data_8ZPQ
#
_entry.id   8ZPQ
#
_cell.length_a   69.886
_cell.length_b   93.251
_cell.length_c   257.490
_cell.angle_alpha   90.000
_cell.angle_beta   90.000
_cell.angle_gamma   90.000
#
_symmetry.space_group_name_H-M   'P 21 21 21'
#
loop_
_entity.id
_entity.type
_entity.pdbx_description
1 polymer 70fab-H
2 polymer 70fab-L
3 polymer 'Spike protein S1'
4 water water
#
loop_
_entity_poly.entity_id
_entity_poly.type
_entity_poly.pdbx_seq_one_letter_code
_entity_poly.pdbx_strand_id
1 'polypeptide(L)'
;DEVQLVESGGGLVQPRGSLRLSCSASGFTFSTYAMHWVRQAPGKGLEYVSGISVNGDSTNYAESVKGRFTISRDNSKNTL
FLEMRSLKVEDTAVYYCVKDKMGYPTGEYFPHWGQGTLVTVSSASTKGPSVFPLAPSSKSTSGGTAALGCLVKDYFPEPV
TVSWNSGALTSGVHTFPAVLQSSGLYSLSSVVTVPSSSLGTQTYICNVNHKPSNTKVDKRVEPKSCDK
;
H,A
2 'polypeptide(L)'
;DQSVLTQPPSVSVAPGKTARITCGGNDIGSKSVHWYQQKPGQAPVLVIYYDTDRPSGIPDRFSGSNSGNTATLTISGVEA
GDEADYYCQVWDGTSDHHVIFGGGTKLTVLGQPKAAPSVTLFPPSSEELQANKATLVCLISDFYPGAVTVAWKADSSPVK
AGVETTTPSKQSNNKYAASSYLSLTPEQWKSHRSYSCQVTHEGSTVEKTVAPTECS
;
L,B
3 'polypeptide(L)'
;RVQPTESIVRFPNITNLCPFDEVFNATTFASVYAWNRKRISNCVADYSVLYNFAPFFAFKCYGVSPTKLNDLCFTNVYAD
SFVIRGNEVSQIAPGQTGNIADYNYKLPDDFTGCVIAWNSNKLDSTVGGNYNYRYRLFRKSNLKPFERDISTEIYQAGNK
PCNGVAGVNCYFPLQSYGFRPTYGVGHQPYRVVVLSFELLHAPATVCGPKKSTNLVKNKCVNF
;
E,F
#
# COMPACT_ATOMS: atom_id res chain seq x y z
N ASP A 1 26.80 -8.79 34.42
CA ASP A 1 25.98 -8.98 35.62
C ASP A 1 24.71 -9.76 35.29
N GLU A 2 23.67 -9.56 36.09
CA GLU A 2 22.39 -10.20 35.87
C GLU A 2 21.31 -9.40 36.56
N VAL A 3 20.08 -9.55 36.07
CA VAL A 3 18.98 -8.71 36.51
C VAL A 3 18.67 -8.95 37.99
N GLN A 4 18.25 -7.89 38.67
CA GLN A 4 18.06 -7.91 40.11
C GLN A 4 17.01 -6.87 40.49
N LEU A 5 15.91 -7.30 41.11
CA LEU A 5 14.87 -6.39 41.57
C LEU A 5 14.64 -6.64 43.05
N VAL A 6 14.80 -5.59 43.86
CA VAL A 6 14.72 -5.69 45.32
C VAL A 6 13.67 -4.71 45.79
N GLU A 7 12.49 -5.21 46.15
CA GLU A 7 11.40 -4.37 46.62
C GLU A 7 11.53 -4.09 48.11
N SER A 8 10.93 -2.99 48.54
CA SER A 8 10.92 -2.60 49.94
C SER A 8 9.75 -1.64 50.17
N GLY A 9 9.41 -1.44 51.44
CA GLY A 9 8.38 -0.51 51.82
C GLY A 9 7.05 -1.12 52.20
N GLY A 10 6.94 -2.44 52.25
CA GLY A 10 5.71 -3.08 52.66
C GLY A 10 5.49 -2.97 54.15
N GLY A 11 4.35 -3.50 54.58
CA GLY A 11 4.01 -3.52 56.00
C GLY A 11 2.51 -3.57 56.18
N LEU A 12 2.08 -3.24 57.39
CA LEU A 12 0.68 -3.25 57.77
C LEU A 12 0.18 -1.82 57.91
N VAL A 13 -0.96 -1.53 57.30
CA VAL A 13 -1.57 -0.20 57.34
C VAL A 13 -3.08 -0.34 57.41
N GLN A 14 -3.72 0.55 58.15
CA GLN A 14 -5.16 0.53 58.31
C GLN A 14 -5.84 0.90 56.98
N PRO A 15 -7.10 0.52 56.81
CA PRO A 15 -7.84 0.95 55.61
C PRO A 15 -7.93 2.46 55.52
N ARG A 16 -8.01 2.95 54.28
CA ARG A 16 -7.99 4.37 53.93
C ARG A 16 -6.64 5.02 54.19
N GLY A 17 -5.61 4.23 54.50
CA GLY A 17 -4.28 4.75 54.74
C GLY A 17 -3.50 4.91 53.45
N SER A 18 -2.20 5.16 53.62
CA SER A 18 -1.31 5.37 52.49
C SER A 18 -0.02 4.58 52.70
N LEU A 19 0.61 4.21 51.59
CA LEU A 19 1.87 3.48 51.62
C LEU A 19 2.63 3.76 50.34
N ARG A 20 3.95 3.65 50.41
CA ARG A 20 4.83 3.85 49.26
C ARG A 20 5.80 2.68 49.18
N LEU A 21 5.78 1.97 48.06
CA LEU A 21 6.71 0.88 47.80
C LEU A 21 7.79 1.34 46.85
N SER A 22 9.02 0.91 47.10
CA SER A 22 10.17 1.23 46.27
C SER A 22 10.82 -0.05 45.78
N CYS A 23 11.25 -0.05 44.53
CA CYS A 23 11.91 -1.20 43.91
C CYS A 23 13.25 -0.73 43.35
N SER A 24 14.34 -1.30 43.86
CA SER A 24 15.69 -0.95 43.43
C SER A 24 16.14 -1.95 42.39
N ALA A 25 16.54 -1.45 41.22
CA ALA A 25 16.85 -2.29 40.07
C ALA A 25 18.34 -2.23 39.76
N SER A 26 18.91 -3.37 39.36
CA SER A 26 20.30 -3.46 38.99
C SER A 26 20.48 -4.59 37.99
N GLY A 27 21.58 -4.55 37.25
CA GLY A 27 21.88 -5.54 36.25
C GLY A 27 21.36 -5.25 34.86
N PHE A 28 20.73 -4.09 34.64
CA PHE A 28 20.27 -3.71 33.31
C PHE A 28 20.16 -2.20 33.25
N THR A 29 20.13 -1.67 32.03
CA THR A 29 20.00 -0.24 31.82
C THR A 29 18.58 0.17 32.20
N PHE A 30 18.44 0.72 33.41
CA PHE A 30 17.12 1.03 33.95
C PHE A 30 16.38 2.07 33.13
N SER A 31 17.12 2.94 32.44
CA SER A 31 16.50 4.03 31.69
C SER A 31 15.83 3.58 30.41
N THR A 32 16.04 2.34 29.97
CA THR A 32 15.54 1.88 28.69
C THR A 32 14.38 0.89 28.80
N TYR A 33 14.09 0.37 29.98
CA TYR A 33 13.09 -0.68 30.13
C TYR A 33 11.83 -0.15 30.79
N ALA A 34 10.67 -0.61 30.30
CA ALA A 34 9.41 -0.30 30.95
C ALA A 34 9.24 -1.13 32.22
N MET A 35 8.73 -0.48 33.26
CA MET A 35 8.59 -1.07 34.58
C MET A 35 7.11 -1.27 34.91
N HIS A 36 6.82 -2.32 35.68
CA HIS A 36 5.45 -2.61 36.08
C HIS A 36 5.41 -3.13 37.51
N TRP A 37 4.20 -3.17 38.07
CA TRP A 37 3.92 -3.79 39.35
C TRP A 37 2.84 -4.84 39.16
N VAL A 38 3.08 -6.05 39.69
CA VAL A 38 2.10 -7.12 39.67
C VAL A 38 1.94 -7.64 41.09
N ARG A 39 0.70 -7.72 41.57
CA ARG A 39 0.42 -8.14 42.93
C ARG A 39 -0.30 -9.49 42.95
N GLN A 40 -0.26 -10.13 44.11
CA GLN A 40 -0.88 -11.43 44.32
C GLN A 40 -1.49 -11.47 45.71
N ALA A 41 -2.82 -11.46 45.78
CA ALA A 41 -3.49 -11.61 47.06
C ALA A 41 -3.18 -12.99 47.64
N PRO A 42 -3.10 -13.11 48.96
CA PRO A 42 -2.71 -14.41 49.56
C PRO A 42 -3.66 -15.52 49.14
N GLY A 43 -3.09 -16.65 48.75
CA GLY A 43 -3.88 -17.77 48.29
C GLY A 43 -4.66 -17.51 47.02
N LYS A 44 -4.29 -16.47 46.27
CA LYS A 44 -4.99 -16.08 45.06
C LYS A 44 -3.98 -15.98 43.91
N GLY A 45 -4.48 -15.62 42.73
CA GLY A 45 -3.66 -15.56 41.54
C GLY A 45 -2.94 -14.23 41.40
N LEU A 46 -2.44 -14.00 40.18
CA LEU A 46 -1.71 -12.78 39.87
C LEU A 46 -2.65 -11.75 39.26
N GLU A 47 -2.55 -10.51 39.72
CA GLU A 47 -3.33 -9.40 39.17
C GLU A 47 -2.37 -8.29 38.76
N TYR A 48 -2.47 -7.85 37.51
CA TYR A 48 -1.65 -6.74 37.05
C TYR A 48 -2.11 -5.45 37.71
N VAL A 49 -1.16 -4.64 38.14
CA VAL A 49 -1.47 -3.43 38.90
C VAL A 49 -1.29 -2.19 38.03
N SER A 50 -0.07 -1.96 37.56
CA SER A 50 0.23 -0.75 36.82
C SER A 50 1.56 -0.93 36.08
N GLY A 51 1.86 0.04 35.22
CA GLY A 51 3.10 0.06 34.47
C GLY A 51 3.49 1.49 34.14
N ILE A 52 4.75 1.65 33.72
CA ILE A 52 5.29 2.98 33.41
C ILE A 52 6.23 2.86 32.22
N SER A 53 6.29 3.93 31.43
CA SER A 53 7.16 3.97 30.26
C SER A 53 8.61 4.16 30.70
N VAL A 54 9.52 3.99 29.73
CA VAL A 54 10.94 4.08 30.03
C VAL A 54 11.31 5.47 30.55
N ASN A 55 10.55 6.49 30.17
CA ASN A 55 10.79 7.86 30.61
C ASN A 55 9.85 8.30 31.73
N GLY A 56 8.73 7.61 31.92
CA GLY A 56 7.71 8.05 32.85
C GLY A 56 6.64 8.93 32.25
N ASP A 57 6.68 9.16 30.93
CA ASP A 57 5.66 10.00 30.30
C ASP A 57 4.33 9.29 30.15
N SER A 58 4.31 7.95 30.21
CA SER A 58 3.09 7.17 30.06
C SER A 58 2.94 6.23 31.25
N THR A 59 1.81 6.31 31.93
CA THR A 59 1.50 5.43 33.05
C THR A 59 0.14 4.78 32.81
N ASN A 60 0.08 3.46 32.98
CA ASN A 60 -1.15 2.70 32.87
C ASN A 60 -1.51 2.12 34.24
N TYR A 61 -2.80 1.86 34.43
CA TYR A 61 -3.30 1.38 35.71
C TYR A 61 -4.42 0.38 35.50
N ALA A 62 -4.56 -0.54 36.44
CA ALA A 62 -5.70 -1.44 36.46
C ALA A 62 -6.96 -0.69 36.90
N GLU A 63 -8.11 -1.22 36.49
CA GLU A 63 -9.38 -0.55 36.80
C GLU A 63 -9.59 -0.44 38.30
N SER A 64 -9.20 -1.46 39.06
CA SER A 64 -9.41 -1.45 40.50
C SER A 64 -8.61 -0.35 41.18
N VAL A 65 -7.37 -0.12 40.73
CA VAL A 65 -6.46 0.80 41.40
C VAL A 65 -6.44 2.18 40.75
N LYS A 66 -7.28 2.42 39.74
CA LYS A 66 -7.28 3.71 39.07
C LYS A 66 -7.72 4.81 40.02
N GLY A 67 -6.99 5.92 40.01
CA GLY A 67 -7.30 7.06 40.85
C GLY A 67 -6.82 6.97 42.28
N ARG A 68 -6.28 5.82 42.69
CA ARG A 68 -5.76 5.64 44.04
C ARG A 68 -4.26 5.39 44.07
N PHE A 69 -3.74 4.57 43.16
CA PHE A 69 -2.32 4.29 43.06
C PHE A 69 -1.69 5.20 42.01
N THR A 70 -0.45 5.61 42.26
CA THR A 70 0.32 6.37 41.29
C THR A 70 1.73 5.83 41.22
N ILE A 71 2.17 5.47 40.02
CA ILE A 71 3.47 4.85 39.79
C ILE A 71 4.42 5.88 39.22
N SER A 72 5.65 5.89 39.72
CA SER A 72 6.67 6.81 39.25
C SER A 72 8.02 6.12 39.33
N ARG A 73 8.99 6.66 38.58
CA ARG A 73 10.33 6.12 38.55
C ARG A 73 11.34 7.26 38.56
N ASP A 74 12.55 6.95 39.02
CA ASP A 74 13.67 7.89 39.06
C ASP A 74 14.85 7.19 38.41
N ASN A 75 15.01 7.39 37.10
CA ASN A 75 16.08 6.71 36.37
C ASN A 75 17.47 7.16 36.81
N SER A 76 17.58 8.34 37.44
CA SER A 76 18.87 8.77 37.97
C SER A 76 19.33 7.86 39.10
N LYS A 77 18.43 7.47 39.99
CA LYS A 77 18.74 6.61 41.12
C LYS A 77 18.36 5.16 40.91
N ASN A 78 17.84 4.80 39.73
CA ASN A 78 17.46 3.43 39.40
C ASN A 78 16.47 2.87 40.42
N THR A 79 15.32 3.53 40.52
CA THR A 79 14.31 3.15 41.51
C THR A 79 12.92 3.27 40.90
N LEU A 80 12.08 2.28 41.19
CA LEU A 80 10.67 2.31 40.84
C LEU A 80 9.86 2.56 42.11
N PHE A 81 8.75 3.27 41.95
CA PHE A 81 7.91 3.63 43.08
C PHE A 81 6.46 3.27 42.80
N LEU A 82 5.73 2.98 43.87
CA LEU A 82 4.28 2.74 43.79
C LEU A 82 3.66 3.38 45.02
N GLU A 83 3.10 4.58 44.85
CA GLU A 83 2.44 5.28 45.94
C GLU A 83 0.99 4.83 46.00
N MET A 84 0.58 4.32 47.16
CA MET A 84 -0.75 3.75 47.34
C MET A 84 -1.54 4.63 48.30
N ARG A 85 -2.75 5.01 47.90
CA ARG A 85 -3.60 5.91 48.68
C ARG A 85 -5.01 5.33 48.74
N SER A 86 -5.72 5.68 49.82
CA SER A 86 -7.09 5.22 50.05
C SER A 86 -7.15 3.69 50.02
N LEU A 87 -6.21 3.07 50.74
CA LEU A 87 -6.04 1.62 50.66
C LEU A 87 -7.26 0.89 51.17
N LYS A 88 -7.65 -0.15 50.44
CA LYS A 88 -8.78 -1.01 50.78
C LYS A 88 -8.27 -2.36 51.29
N VAL A 89 -9.17 -3.10 51.94
CA VAL A 89 -8.84 -4.43 52.41
C VAL A 89 -8.65 -5.42 51.27
N GLU A 90 -9.05 -5.06 50.06
CA GLU A 90 -8.80 -5.89 48.89
C GLU A 90 -7.42 -5.65 48.30
N ASP A 91 -6.71 -4.60 48.74
CA ASP A 91 -5.38 -4.31 48.25
C ASP A 91 -4.30 -5.13 48.91
N THR A 92 -4.63 -5.91 49.95
CA THR A 92 -3.65 -6.76 50.60
C THR A 92 -3.14 -7.80 49.62
N ALA A 93 -1.83 -7.86 49.44
CA ALA A 93 -1.20 -8.73 48.46
C ALA A 93 0.31 -8.61 48.62
N VAL A 94 1.03 -9.47 47.92
CA VAL A 94 2.47 -9.35 47.74
C VAL A 94 2.70 -8.63 46.42
N TYR A 95 3.37 -7.49 46.47
CA TYR A 95 3.56 -6.65 45.29
C TYR A 95 4.95 -6.88 44.72
N TYR A 96 5.02 -7.35 43.49
CA TYR A 96 6.28 -7.54 42.77
C TYR A 96 6.47 -6.42 41.77
N CYS A 97 7.68 -5.86 41.73
CA CYS A 97 8.08 -5.01 40.61
C CYS A 97 8.65 -5.91 39.52
N VAL A 98 8.19 -5.72 38.29
CA VAL A 98 8.59 -6.58 37.19
C VAL A 98 9.21 -5.73 36.09
N LYS A 99 10.01 -6.39 35.24
CA LYS A 99 10.75 -5.72 34.18
C LYS A 99 10.25 -6.23 32.84
N ASP A 100 9.93 -5.30 31.94
CA ASP A 100 9.45 -5.65 30.61
C ASP A 100 10.62 -6.07 29.71
N LYS A 101 10.29 -6.50 28.50
CA LYS A 101 11.32 -6.79 27.52
C LYS A 101 11.87 -5.49 26.95
N MET A 102 12.95 -5.60 26.19
CA MET A 102 13.52 -4.44 25.51
C MET A 102 12.73 -4.17 24.24
N GLY A 103 12.13 -2.98 24.15
CA GLY A 103 11.45 -2.59 22.94
C GLY A 103 9.98 -2.28 23.11
N TYR A 104 9.25 -2.24 22.00
CA TYR A 104 7.83 -1.96 21.98
C TYR A 104 7.12 -3.03 21.18
N PRO A 105 5.84 -3.30 21.49
CA PRO A 105 5.00 -2.66 22.52
C PRO A 105 5.34 -3.16 23.92
N THR A 106 5.01 -2.37 24.94
CA THR A 106 5.29 -2.72 26.32
C THR A 106 4.04 -3.31 26.95
N GLY A 107 4.18 -4.48 27.58
CA GLY A 107 3.08 -5.12 28.24
C GLY A 107 2.74 -6.49 27.70
N GLU A 108 3.59 -7.04 26.83
CA GLU A 108 3.34 -8.35 26.26
C GLU A 108 3.59 -9.45 27.29
N TYR A 109 4.82 -9.57 27.77
CA TYR A 109 5.18 -10.55 28.78
C TYR A 109 6.22 -9.94 29.71
N PHE A 110 6.39 -10.56 30.86
CA PHE A 110 7.25 -10.04 31.93
C PHE A 110 8.31 -11.08 32.29
N PRO A 111 9.52 -10.98 31.74
CA PRO A 111 10.51 -12.04 31.95
C PRO A 111 11.25 -11.98 33.27
N HIS A 112 11.21 -10.85 33.99
CA HIS A 112 11.98 -10.70 35.22
C HIS A 112 11.08 -10.14 36.32
N TRP A 113 11.11 -10.78 37.49
CA TRP A 113 10.26 -10.42 38.61
C TRP A 113 11.12 -10.20 39.85
N GLY A 114 10.62 -9.35 40.75
CA GLY A 114 11.30 -9.12 42.01
C GLY A 114 10.95 -10.18 43.05
N GLN A 115 11.64 -10.09 44.19
CA GLN A 115 11.42 -11.08 45.26
C GLN A 115 10.04 -10.91 45.88
N GLY A 116 9.57 -9.69 46.02
CA GLY A 116 8.21 -9.44 46.48
C GLY A 116 8.17 -8.83 47.87
N THR A 117 7.33 -7.81 48.04
CA THR A 117 7.09 -7.19 49.33
C THR A 117 5.61 -7.34 49.68
N LEU A 118 5.34 -7.54 50.97
CA LEU A 118 3.99 -7.85 51.44
C LEU A 118 3.33 -6.58 52.00
N VAL A 119 2.13 -6.29 51.51
CA VAL A 119 1.33 -5.17 51.99
C VAL A 119 0.05 -5.75 52.58
N THR A 120 -0.22 -5.48 53.85
CA THR A 120 -1.38 -5.99 54.55
C THR A 120 -2.23 -4.82 55.02
N VAL A 121 -3.49 -4.79 54.59
CA VAL A 121 -4.44 -3.78 55.02
C VAL A 121 -5.48 -4.47 55.89
N SER A 122 -5.58 -4.04 57.14
CA SER A 122 -6.51 -4.64 58.09
C SER A 122 -7.00 -3.57 59.06
N SER A 123 -8.28 -3.64 59.41
CA SER A 123 -8.83 -2.75 60.42
C SER A 123 -8.50 -3.19 61.83
N ALA A 124 -8.00 -4.42 61.99
CA ALA A 124 -7.74 -4.96 63.32
C ALA A 124 -6.60 -4.20 64.01
N SER A 125 -6.75 -4.01 65.31
CA SER A 125 -5.71 -3.44 66.15
C SER A 125 -5.03 -4.55 66.94
N THR A 126 -4.08 -4.16 67.77
CA THR A 126 -3.34 -5.15 68.57
C THR A 126 -4.23 -5.66 69.70
N LYS A 127 -4.43 -6.98 69.74
CA LYS A 127 -5.24 -7.60 70.78
C LYS A 127 -4.53 -8.85 71.28
N GLY A 128 -4.43 -8.99 72.60
CA GLY A 128 -3.89 -10.18 73.21
C GLY A 128 -4.79 -11.38 73.01
N PRO A 129 -4.20 -12.58 73.04
CA PRO A 129 -5.00 -13.78 72.80
C PRO A 129 -5.74 -14.25 74.05
N SER A 130 -6.86 -14.93 73.80
CA SER A 130 -7.58 -15.65 74.84
C SER A 130 -7.21 -17.13 74.73
N VAL A 131 -6.67 -17.69 75.81
CA VAL A 131 -6.15 -19.05 75.83
C VAL A 131 -7.12 -19.92 76.61
N PHE A 132 -7.56 -21.02 75.98
CA PHE A 132 -8.47 -21.94 76.63
C PHE A 132 -7.89 -23.35 76.63
N PRO A 133 -8.02 -24.09 77.73
CA PRO A 133 -7.47 -25.45 77.80
C PRO A 133 -8.35 -26.43 77.03
N LEU A 134 -7.71 -27.28 76.22
CA LEU A 134 -8.41 -28.34 75.49
C LEU A 134 -8.19 -29.63 76.28
N ALA A 135 -9.15 -29.95 77.15
CA ALA A 135 -9.00 -31.08 78.06
C ALA A 135 -9.07 -32.40 77.31
N PRO A 136 -8.32 -33.41 77.75
CA PRO A 136 -8.40 -34.72 77.11
C PRO A 136 -9.68 -35.46 77.50
N SER A 137 -10.03 -36.44 76.68
CA SER A 137 -11.23 -37.25 76.88
C SER A 137 -10.85 -38.73 76.80
N SER A 138 -11.79 -39.58 77.23
CA SER A 138 -11.56 -41.02 77.24
C SER A 138 -12.49 -41.72 76.25
N GLY A 144 -3.23 -45.88 73.82
CA GLY A 144 -2.35 -45.70 74.96
C GLY A 144 -1.91 -44.27 75.16
N THR A 145 -2.22 -43.41 74.18
CA THR A 145 -1.88 -42.00 74.22
C THR A 145 -3.14 -41.16 74.34
N ALA A 146 -2.99 -40.00 74.97
CA ALA A 146 -4.08 -39.05 75.14
C ALA A 146 -3.67 -37.70 74.57
N ALA A 147 -4.64 -36.99 74.01
CA ALA A 147 -4.41 -35.71 73.35
C ALA A 147 -4.99 -34.58 74.19
N LEU A 148 -4.16 -33.58 74.47
CA LEU A 148 -4.58 -32.37 75.16
C LEU A 148 -3.86 -31.19 74.53
N GLY A 149 -4.43 -30.00 74.71
CA GLY A 149 -3.83 -28.85 74.07
C GLY A 149 -4.43 -27.54 74.54
N CYS A 150 -4.09 -26.48 73.82
CA CYS A 150 -4.53 -25.13 74.13
C CYS A 150 -5.10 -24.47 72.88
N LEU A 151 -6.14 -23.68 73.08
CA LEU A 151 -6.74 -22.89 72.00
C LEU A 151 -6.37 -21.43 72.20
N VAL A 152 -5.62 -20.87 71.26
CA VAL A 152 -5.15 -19.49 71.32
C VAL A 152 -6.01 -18.70 70.34
N LYS A 153 -7.00 -17.98 70.86
CA LYS A 153 -8.06 -17.41 70.05
C LYS A 153 -8.03 -15.89 70.06
N ASP A 154 -8.34 -15.31 68.90
CA ASP A 154 -8.63 -13.88 68.75
C ASP A 154 -7.45 -13.01 69.20
N TYR A 155 -6.35 -13.13 68.47
CA TYR A 155 -5.18 -12.28 68.67
C TYR A 155 -4.78 -11.64 67.35
N PHE A 156 -4.18 -10.45 67.44
CA PHE A 156 -3.70 -9.73 66.28
C PHE A 156 -2.57 -8.81 66.72
N PRO A 157 -1.46 -8.75 65.97
CA PRO A 157 -1.16 -9.54 64.79
C PRO A 157 -0.32 -10.75 65.11
N GLU A 158 0.18 -11.45 64.09
CA GLU A 158 1.13 -12.52 64.31
C GLU A 158 2.46 -11.94 64.79
N PRO A 159 3.30 -12.75 65.45
CA PRO A 159 3.14 -14.17 65.79
C PRO A 159 2.86 -14.43 67.27
N VAL A 160 2.52 -15.66 67.61
CA VAL A 160 2.47 -16.13 68.98
C VAL A 160 3.30 -17.40 69.06
N THR A 161 4.15 -17.49 70.09
CA THR A 161 4.97 -18.67 70.32
C THR A 161 4.33 -19.53 71.39
N VAL A 162 4.25 -20.83 71.15
CA VAL A 162 3.65 -21.77 72.07
C VAL A 162 4.71 -22.79 72.47
N SER A 163 4.88 -22.97 73.78
CA SER A 163 5.72 -24.02 74.34
C SER A 163 4.95 -24.72 75.45
N TRP A 164 5.43 -25.90 75.82
CA TRP A 164 4.77 -26.73 76.81
C TRP A 164 5.71 -26.99 77.99
N ASN A 165 5.21 -26.73 79.20
CA ASN A 165 5.98 -26.93 80.43
C ASN A 165 7.28 -26.15 80.39
N SER A 166 7.21 -24.92 79.90
CA SER A 166 8.37 -24.02 79.79
C SER A 166 9.47 -24.62 78.92
N GLY A 167 9.08 -25.43 77.94
CA GLY A 167 10.03 -26.09 77.06
C GLY A 167 10.50 -27.45 77.52
N ALA A 168 10.12 -27.88 78.72
CA ALA A 168 10.54 -29.20 79.19
C ALA A 168 9.87 -30.31 78.41
N LEU A 169 8.71 -30.06 77.84
CA LEU A 169 7.95 -31.05 77.08
C LEU A 169 8.01 -30.67 75.61
N THR A 170 8.67 -31.50 74.81
CA THR A 170 8.81 -31.25 73.38
C THR A 170 8.29 -32.40 72.52
N SER A 171 8.52 -33.65 72.93
CA SER A 171 8.09 -34.79 72.14
C SER A 171 6.57 -34.85 72.08
N GLY A 172 6.03 -35.04 70.88
CA GLY A 172 4.60 -35.12 70.68
C GLY A 172 3.88 -33.79 70.57
N VAL A 173 4.61 -32.68 70.57
CA VAL A 173 4.01 -31.35 70.50
C VAL A 173 3.82 -30.97 69.04
N HIS A 174 2.58 -30.62 68.68
CA HIS A 174 2.24 -30.20 67.33
C HIS A 174 1.47 -28.89 67.42
N THR A 175 2.15 -27.78 67.15
CA THR A 175 1.54 -26.46 67.12
C THR A 175 1.15 -26.12 65.68
N PHE A 176 -0.13 -25.79 65.47
CA PHE A 176 -0.67 -25.64 64.12
C PHE A 176 -0.57 -24.19 63.64
N PRO A 177 -0.50 -23.98 62.33
CA PRO A 177 -0.61 -22.62 61.79
C PRO A 177 -1.99 -22.03 62.07
N ALA A 178 -2.04 -20.71 62.20
CA ALA A 178 -3.24 -20.02 62.65
C ALA A 178 -4.24 -19.84 61.52
N VAL A 179 -5.44 -19.40 61.90
CA VAL A 179 -6.48 -19.00 60.95
C VAL A 179 -6.59 -17.48 60.97
N LEU A 180 -6.86 -16.90 59.81
CA LEU A 180 -7.24 -15.49 59.72
C LEU A 180 -8.75 -15.44 59.54
N GLN A 181 -9.47 -15.14 60.63
CA GLN A 181 -10.91 -15.17 60.59
C GLN A 181 -11.47 -13.98 59.81
N SER A 182 -12.78 -14.02 59.57
CA SER A 182 -13.45 -12.91 58.89
C SER A 182 -13.33 -11.62 59.68
N SER A 183 -13.22 -11.72 61.00
CA SER A 183 -13.02 -10.55 61.84
C SER A 183 -11.64 -9.94 61.69
N GLY A 184 -10.72 -10.62 60.99
CA GLY A 184 -9.37 -10.16 60.85
C GLY A 184 -8.44 -10.56 61.98
N LEU A 185 -8.94 -11.28 62.98
CA LEU A 185 -8.12 -11.74 64.10
C LEU A 185 -7.62 -13.15 63.83
N TYR A 186 -6.52 -13.50 64.49
CA TYR A 186 -5.88 -14.79 64.32
C TYR A 186 -6.25 -15.72 65.48
N SER A 187 -6.18 -17.02 65.21
CA SER A 187 -6.43 -18.05 66.21
C SER A 187 -5.67 -19.31 65.81
N LEU A 188 -5.10 -19.99 66.80
CA LEU A 188 -4.42 -21.26 66.53
C LEU A 188 -4.53 -22.17 67.76
N SER A 189 -4.27 -23.45 67.52
CA SER A 189 -4.26 -24.46 68.57
C SER A 189 -2.96 -25.22 68.54
N SER A 190 -2.51 -25.67 69.71
CA SER A 190 -1.35 -26.53 69.84
C SER A 190 -1.73 -27.73 70.69
N VAL A 191 -1.46 -28.92 70.19
CA VAL A 191 -1.84 -30.16 70.85
C VAL A 191 -0.60 -31.01 71.08
N VAL A 192 -0.50 -31.60 72.26
CA VAL A 192 0.58 -32.51 72.61
C VAL A 192 -0.04 -33.85 73.01
N THR A 193 0.49 -34.93 72.46
CA THR A 193 0.04 -36.28 72.79
C THR A 193 0.92 -36.81 73.92
N VAL A 194 0.28 -37.23 75.02
CA VAL A 194 0.99 -37.70 76.21
C VAL A 194 0.45 -39.07 76.57
N PRO A 195 1.22 -39.86 77.32
CA PRO A 195 0.71 -41.15 77.79
C PRO A 195 -0.53 -40.99 78.66
N SER A 196 -1.46 -41.93 78.51
CA SER A 196 -2.72 -41.86 79.25
C SER A 196 -2.50 -41.98 80.75
N SER A 197 -1.55 -42.82 81.16
CA SER A 197 -1.29 -43.01 82.58
C SER A 197 -0.80 -41.73 83.26
N SER A 198 -0.09 -40.88 82.51
CA SER A 198 0.44 -39.64 83.08
C SER A 198 -0.65 -38.67 83.46
N LEU A 199 -1.87 -38.81 82.92
CA LEU A 199 -2.96 -37.93 83.29
C LEU A 199 -3.29 -38.08 84.76
N GLY A 200 -3.49 -36.95 85.44
CA GLY A 200 -3.73 -36.92 86.86
C GLY A 200 -2.47 -36.81 87.70
N THR A 201 -1.40 -37.48 87.27
CA THR A 201 -0.12 -37.43 87.96
C THR A 201 0.90 -36.52 87.27
N GLN A 202 0.58 -35.99 86.10
CA GLN A 202 1.42 -35.03 85.41
C GLN A 202 0.63 -33.75 85.15
N THR A 203 1.27 -32.61 85.38
CA THR A 203 0.65 -31.32 85.12
C THR A 203 1.23 -30.72 83.84
N TYR A 204 0.35 -30.38 82.90
CA TYR A 204 0.75 -29.85 81.61
C TYR A 204 0.31 -28.40 81.52
N ILE A 205 1.27 -27.49 81.30
CA ILE A 205 0.99 -26.07 81.16
C ILE A 205 1.55 -25.62 79.81
N CYS A 206 0.67 -25.09 78.96
CA CYS A 206 1.11 -24.48 77.71
C CYS A 206 1.45 -23.02 77.95
N ASN A 207 2.53 -22.57 77.33
CA ASN A 207 3.04 -21.21 77.51
C ASN A 207 2.84 -20.44 76.21
N VAL A 208 1.95 -19.46 76.23
CA VAL A 208 1.61 -18.66 75.06
C VAL A 208 2.22 -17.28 75.25
N ASN A 209 3.00 -16.83 74.27
CA ASN A 209 3.63 -15.52 74.30
C ASN A 209 3.19 -14.74 73.07
N HIS A 210 2.66 -13.54 73.29
CA HIS A 210 2.25 -12.63 72.23
C HIS A 210 3.02 -11.33 72.44
N LYS A 211 4.22 -11.27 71.88
CA LYS A 211 5.06 -10.08 72.05
C LYS A 211 4.41 -8.78 71.59
N PRO A 212 3.68 -8.72 70.47
CA PRO A 212 3.09 -7.43 70.07
C PRO A 212 2.17 -6.81 71.11
N SER A 213 1.47 -7.62 71.92
CA SER A 213 0.65 -7.10 73.01
C SER A 213 1.31 -7.25 74.37
N ASN A 214 2.56 -7.73 74.41
CA ASN A 214 3.32 -7.89 75.65
C ASN A 214 2.55 -8.77 76.65
N THR A 215 1.92 -9.82 76.16
CA THR A 215 1.09 -10.69 76.98
C THR A 215 1.67 -12.10 76.97
N LYS A 216 1.99 -12.61 78.16
CA LYS A 216 2.35 -14.00 78.35
C LYS A 216 1.27 -14.68 79.16
N VAL A 217 0.77 -15.81 78.67
CA VAL A 217 -0.26 -16.57 79.34
C VAL A 217 0.22 -18.01 79.53
N ASP A 218 0.15 -18.50 80.76
CA ASP A 218 0.54 -19.86 81.11
C ASP A 218 -0.71 -20.60 81.55
N LYS A 219 -1.38 -21.25 80.60
CA LYS A 219 -2.64 -21.95 80.87
C LYS A 219 -2.35 -23.39 81.27
N ARG A 220 -2.95 -23.81 82.38
CA ARG A 220 -2.82 -25.19 82.86
C ARG A 220 -3.94 -26.03 82.28
N VAL A 221 -3.59 -27.19 81.74
CA VAL A 221 -4.55 -28.11 81.15
C VAL A 221 -4.72 -29.30 82.08
N GLU A 222 -5.96 -29.54 82.49
CA GLU A 222 -6.29 -30.64 83.38
C GLU A 222 -7.46 -31.42 82.82
N PRO A 223 -7.56 -32.71 83.13
CA PRO A 223 -8.71 -33.50 82.66
C PRO A 223 -10.02 -32.95 83.20
N LYS A 224 -11.05 -33.03 82.37
CA LYS A 224 -12.37 -32.55 82.75
C LYS A 224 -13.07 -33.59 83.63
N SER A 225 -13.54 -33.14 84.79
CA SER A 225 -14.18 -34.03 85.74
C SER A 225 -15.69 -34.12 85.48
N GLN B 2 -14.83 -8.84 29.47
CA GLN B 2 -13.46 -9.13 29.89
C GLN B 2 -12.98 -10.46 29.33
N SER B 3 -11.72 -10.50 28.90
CA SER B 3 -11.12 -11.75 28.46
C SER B 3 -10.73 -12.57 29.68
N VAL B 4 -11.32 -13.74 29.83
CA VAL B 4 -11.08 -14.63 30.96
C VAL B 4 -10.31 -15.84 30.47
N LEU B 5 -9.18 -16.12 31.11
CA LEU B 5 -8.38 -17.31 30.82
C LEU B 5 -8.74 -18.38 31.83
N THR B 6 -9.18 -19.54 31.36
CA THR B 6 -9.64 -20.62 32.21
C THR B 6 -8.56 -21.69 32.30
N GLN B 7 -8.07 -21.94 33.51
CA GLN B 7 -7.07 -22.96 33.78
C GLN B 7 -7.64 -24.02 34.71
N PRO B 8 -7.28 -25.29 34.53
CA PRO B 8 -7.66 -26.32 35.50
C PRO B 8 -7.11 -25.97 36.87
N PRO B 9 -7.92 -26.07 37.92
CA PRO B 9 -7.45 -25.63 39.25
C PRO B 9 -6.22 -26.38 39.74
N SER B 10 -6.13 -27.68 39.49
CA SER B 10 -5.02 -28.48 40.00
C SER B 10 -4.80 -29.67 39.08
N VAL B 11 -3.56 -30.14 39.03
CA VAL B 11 -3.17 -31.29 38.22
C VAL B 11 -2.10 -32.06 38.98
N SER B 12 -2.29 -33.37 39.08
CA SER B 12 -1.35 -34.25 39.78
C SER B 12 -0.68 -35.18 38.77
N VAL B 13 0.64 -35.30 38.88
CA VAL B 13 1.42 -36.15 37.97
C VAL B 13 2.46 -36.91 38.78
N ALA B 14 2.85 -38.09 38.26
CA ALA B 14 3.87 -38.93 38.87
C ALA B 14 5.26 -38.49 38.41
N PRO B 15 6.28 -38.66 39.25
CA PRO B 15 7.64 -38.29 38.84
C PRO B 15 8.08 -39.09 37.61
N GLY B 16 8.72 -38.39 36.68
CA GLY B 16 9.20 -38.98 35.45
C GLY B 16 8.21 -38.97 34.31
N LYS B 17 6.91 -38.90 34.61
CA LYS B 17 5.89 -38.83 33.57
C LYS B 17 5.79 -37.38 33.09
N THR B 18 4.81 -37.10 32.24
CA THR B 18 4.61 -35.76 31.69
C THR B 18 3.28 -35.20 32.16
N ALA B 19 3.28 -33.91 32.49
CA ALA B 19 2.09 -33.20 32.96
C ALA B 19 1.64 -32.21 31.90
N ARG B 20 0.32 -32.04 31.77
CA ARG B 20 -0.26 -31.13 30.80
C ARG B 20 -1.14 -30.13 31.53
N ILE B 21 -0.84 -28.85 31.35
CA ILE B 21 -1.61 -27.76 31.94
C ILE B 21 -2.22 -26.94 30.81
N THR B 22 -3.54 -26.88 30.77
CA THR B 22 -4.24 -26.21 29.69
C THR B 22 -4.57 -24.76 30.06
N CYS B 23 -4.82 -23.96 29.04
CA CYS B 23 -5.23 -22.57 29.20
C CYS B 23 -6.26 -22.28 28.11
N GLY B 24 -7.48 -21.96 28.52
CA GLY B 24 -8.59 -21.80 27.59
C GLY B 24 -9.03 -20.35 27.47
N GLY B 25 -9.55 -20.01 26.29
CA GLY B 25 -10.05 -18.67 26.06
C GLY B 25 -10.69 -18.60 24.69
N ASN B 26 -11.45 -17.52 24.47
CA ASN B 26 -12.11 -17.30 23.20
C ASN B 26 -11.09 -16.84 22.17
N ASP B 27 -10.94 -17.61 21.09
CA ASP B 27 -9.96 -17.34 20.04
C ASP B 27 -8.57 -17.16 20.64
N ILE B 28 -8.20 -18.07 21.55
CA ILE B 28 -6.89 -17.97 22.19
C ILE B 28 -5.76 -18.15 21.17
N GLY B 29 -6.05 -18.77 20.02
CA GLY B 29 -5.07 -18.82 18.96
C GLY B 29 -4.77 -17.47 18.36
N SER B 30 -5.68 -16.50 18.52
CA SER B 30 -5.45 -15.15 18.02
C SER B 30 -4.51 -14.35 18.91
N LYS B 31 -4.22 -14.83 20.12
CA LYS B 31 -3.36 -14.12 21.05
C LYS B 31 -2.14 -14.98 21.37
N SER B 32 -1.06 -14.31 21.76
CA SER B 32 0.17 -14.99 22.17
C SER B 32 0.11 -15.27 23.67
N VAL B 33 0.35 -16.54 24.04
CA VAL B 33 0.19 -17.00 25.41
C VAL B 33 1.56 -17.18 26.03
N HIS B 34 1.75 -16.64 27.23
CA HIS B 34 3.00 -16.76 27.97
C HIS B 34 2.73 -17.49 29.28
N TRP B 35 3.69 -18.31 29.70
CA TRP B 35 3.53 -19.15 30.88
C TRP B 35 4.51 -18.73 31.97
N TYR B 36 4.04 -18.78 33.22
CA TYR B 36 4.84 -18.41 34.38
C TYR B 36 4.82 -19.54 35.39
N GLN B 37 5.96 -19.78 36.04
CA GLN B 37 6.09 -20.81 37.06
C GLN B 37 6.42 -20.12 38.38
N GLN B 38 5.61 -20.41 39.40
CA GLN B 38 5.81 -19.86 40.75
C GLN B 38 5.96 -21.02 41.73
N LYS B 39 7.20 -21.34 42.07
CA LYS B 39 7.44 -22.34 43.10
C LYS B 39 6.99 -21.82 44.46
N PRO B 40 6.60 -22.71 45.37
CA PRO B 40 6.13 -22.26 46.69
C PRO B 40 7.17 -21.36 47.38
N GLY B 41 6.70 -20.22 47.87
CA GLY B 41 7.59 -19.27 48.51
C GLY B 41 8.49 -18.51 47.57
N GLN B 42 8.25 -18.58 46.27
CA GLN B 42 9.11 -17.96 45.27
C GLN B 42 8.30 -16.99 44.41
N ALA B 43 9.03 -16.16 43.67
CA ALA B 43 8.44 -15.23 42.73
C ALA B 43 8.11 -15.93 41.41
N PRO B 44 7.15 -15.39 40.64
CA PRO B 44 6.87 -15.95 39.32
C PRO B 44 8.09 -15.89 38.41
N VAL B 45 8.25 -16.94 37.60
CA VAL B 45 9.35 -17.03 36.65
C VAL B 45 8.77 -17.44 35.30
N LEU B 46 9.11 -16.67 34.26
CA LEU B 46 8.61 -16.95 32.92
C LEU B 46 9.30 -18.18 32.35
N VAL B 47 8.52 -19.14 31.86
CA VAL B 47 9.07 -20.41 31.38
C VAL B 47 8.80 -20.59 29.89
N ILE B 48 7.72 -20.00 29.39
CA ILE B 48 7.38 -20.05 27.97
C ILE B 48 6.86 -18.69 27.56
N TYR B 49 7.34 -18.17 26.42
CA TYR B 49 6.78 -16.97 25.82
C TYR B 49 6.51 -17.21 24.34
N TYR B 50 5.53 -16.46 23.82
CA TYR B 50 5.11 -16.55 22.42
C TYR B 50 4.70 -17.98 22.03
N ASP B 51 4.14 -18.69 23.01
CA ASP B 51 3.43 -19.97 22.86
C ASP B 51 4.34 -21.16 22.58
N THR B 52 5.61 -20.95 22.26
CA THR B 52 6.49 -22.07 21.99
C THR B 52 7.91 -21.91 22.53
N ASP B 53 8.35 -20.72 22.89
CA ASP B 53 9.77 -20.45 23.11
C ASP B 53 10.07 -20.37 24.60
N ARG B 54 11.13 -21.05 25.02
CA ARG B 54 11.59 -21.05 26.40
C ARG B 54 12.72 -20.04 26.57
N PRO B 55 12.66 -19.20 27.60
CA PRO B 55 13.81 -18.31 27.88
C PRO B 55 15.04 -19.10 28.28
N SER B 56 16.18 -18.43 28.21
CA SER B 56 17.44 -19.06 28.56
C SER B 56 17.41 -19.56 30.00
N GLY B 57 17.85 -20.81 30.20
CA GLY B 57 17.89 -21.43 31.49
C GLY B 57 16.74 -22.38 31.77
N ILE B 58 15.64 -22.24 31.06
CA ILE B 58 14.51 -23.16 31.24
C ILE B 58 14.79 -24.45 30.46
N PRO B 59 14.69 -25.61 31.09
CA PRO B 59 15.03 -26.86 30.40
C PRO B 59 14.08 -27.15 29.26
N ASP B 60 14.55 -28.01 28.35
CA ASP B 60 13.76 -28.42 27.20
C ASP B 60 12.52 -29.24 27.58
N ARG B 61 12.44 -29.71 28.84
CA ARG B 61 11.28 -30.45 29.27
C ARG B 61 10.01 -29.61 29.22
N PHE B 62 10.15 -28.29 29.35
CA PHE B 62 9.00 -27.39 29.26
C PHE B 62 8.69 -27.06 27.81
N SER B 63 7.46 -27.31 27.39
CA SER B 63 7.02 -27.07 26.03
C SER B 63 5.68 -26.36 26.02
N GLY B 64 5.49 -25.50 25.02
CA GLY B 64 4.24 -24.77 24.88
C GLY B 64 3.53 -25.08 23.59
N SER B 65 2.22 -24.86 23.56
CA SER B 65 1.43 -25.11 22.37
C SER B 65 0.21 -24.21 22.37
N ASN B 66 -0.28 -23.90 21.17
CA ASN B 66 -1.45 -23.04 21.01
C ASN B 66 -2.24 -23.50 19.80
N SER B 67 -3.54 -23.71 19.97
CA SER B 67 -4.40 -24.17 18.88
C SER B 67 -5.85 -23.91 19.25
N GLY B 68 -6.56 -23.16 18.41
CA GLY B 68 -7.98 -22.94 18.59
C GLY B 68 -8.34 -22.16 19.84
N ASN B 69 -8.95 -22.84 20.81
CA ASN B 69 -9.38 -22.21 22.05
C ASN B 69 -8.65 -22.77 23.27
N THR B 70 -7.62 -23.60 23.07
CA THR B 70 -6.88 -24.21 24.16
C THR B 70 -5.39 -24.08 23.90
N ALA B 71 -4.66 -23.58 24.88
CA ALA B 71 -3.20 -23.53 24.86
C ALA B 71 -2.69 -24.35 26.04
N THR B 72 -1.74 -25.25 25.77
CA THR B 72 -1.27 -26.18 26.77
C THR B 72 0.23 -25.99 27.02
N LEU B 73 0.62 -26.20 28.27
CA LEU B 73 2.03 -26.22 28.68
C LEU B 73 2.36 -27.64 29.11
N THR B 74 3.35 -28.24 28.47
CA THR B 74 3.72 -29.63 28.69
C THR B 74 5.10 -29.70 29.34
N ILE B 75 5.17 -30.40 30.48
CA ILE B 75 6.41 -30.61 31.21
C ILE B 75 6.70 -32.11 31.18
N SER B 76 7.77 -32.50 30.50
CA SER B 76 8.15 -33.90 30.40
C SER B 76 9.18 -34.24 31.47
N GLY B 77 9.21 -35.51 31.86
CA GLY B 77 10.17 -35.96 32.84
C GLY B 77 10.04 -35.20 34.15
N VAL B 78 8.82 -35.08 34.65
CA VAL B 78 8.52 -34.18 35.77
C VAL B 78 9.39 -34.53 36.96
N GLU B 79 9.99 -33.51 37.56
CA GLU B 79 10.82 -33.63 38.74
C GLU B 79 10.11 -33.00 39.94
N ALA B 80 10.69 -33.21 41.12
CA ALA B 80 10.10 -32.66 42.34
C ALA B 80 10.10 -31.14 42.33
N GLY B 81 11.12 -30.53 41.73
CA GLY B 81 11.19 -29.08 41.67
C GLY B 81 10.21 -28.44 40.71
N ASP B 82 9.51 -29.24 39.91
CA ASP B 82 8.48 -28.73 39.02
C ASP B 82 7.14 -28.53 39.73
N GLU B 83 7.04 -28.90 41.00
CA GLU B 83 5.84 -28.64 41.79
C GLU B 83 5.74 -27.14 42.05
N ALA B 84 4.77 -26.48 41.43
CA ALA B 84 4.65 -25.03 41.50
C ALA B 84 3.26 -24.63 41.03
N ASP B 85 2.99 -23.33 41.09
CA ASP B 85 1.80 -22.73 40.50
C ASP B 85 2.15 -22.22 39.11
N TYR B 86 1.37 -22.63 38.11
CA TYR B 86 1.62 -22.26 36.73
C TYR B 86 0.49 -21.37 36.23
N TYR B 87 0.86 -20.20 35.69
CA TYR B 87 -0.08 -19.22 35.20
C TYR B 87 0.15 -18.95 33.72
N CYS B 88 -0.93 -18.91 32.95
CA CYS B 88 -0.89 -18.49 31.57
C CYS B 88 -1.35 -17.03 31.48
N GLN B 89 -0.75 -16.30 30.54
CA GLN B 89 -0.98 -14.87 30.41
C GLN B 89 -1.11 -14.49 28.94
N VAL B 90 -2.09 -13.63 28.63
CA VAL B 90 -2.30 -13.09 27.31
C VAL B 90 -2.50 -11.59 27.41
N TRP B 91 -2.62 -10.93 26.25
CA TRP B 91 -2.91 -9.51 26.17
C TRP B 91 -4.15 -9.31 25.31
N ASP B 92 -5.04 -8.43 25.77
CA ASP B 92 -6.29 -8.16 25.06
C ASP B 92 -6.53 -6.65 25.00
N GLY B 93 -6.96 -6.18 23.84
CA GLY B 93 -7.21 -4.76 23.65
C GLY B 93 -8.67 -4.36 23.73
N THR B 94 -9.56 -5.34 23.84
CA THR B 94 -10.99 -5.10 23.91
C THR B 94 -11.56 -5.31 25.31
N SER B 95 -10.71 -5.47 26.32
CA SER B 95 -11.16 -5.94 27.63
C SER B 95 -11.23 -4.87 28.71
N ASP B 96 -10.49 -3.76 28.55
CA ASP B 96 -10.33 -2.69 29.54
C ASP B 96 -9.46 -3.16 30.70
N HIS B 97 -9.13 -4.44 30.72
CA HIS B 97 -8.04 -5.00 31.52
C HIS B 97 -7.17 -5.74 30.52
N HIS B 98 -6.04 -5.15 30.17
CA HIS B 98 -5.29 -5.64 29.02
C HIS B 98 -4.35 -6.78 29.38
N VAL B 99 -3.76 -6.75 30.57
CA VAL B 99 -2.91 -7.83 31.03
C VAL B 99 -3.80 -8.85 31.72
N ILE B 100 -3.90 -10.04 31.13
CA ILE B 100 -4.80 -11.09 31.60
C ILE B 100 -3.97 -12.24 32.14
N PHE B 101 -4.18 -12.60 33.39
CA PHE B 101 -3.58 -13.78 34.00
C PHE B 101 -4.67 -14.81 34.27
N GLY B 102 -4.37 -16.07 34.00
CA GLY B 102 -5.32 -17.13 34.24
C GLY B 102 -5.49 -17.43 35.72
N GLY B 103 -6.44 -18.32 36.00
CA GLY B 103 -6.69 -18.72 37.37
C GLY B 103 -5.49 -19.38 38.02
N GLY B 104 -4.69 -20.06 37.24
CA GLY B 104 -3.51 -20.74 37.75
C GLY B 104 -3.78 -22.22 37.99
N THR B 105 -2.73 -23.01 37.87
CA THR B 105 -2.81 -24.45 38.10
C THR B 105 -1.74 -24.85 39.10
N LYS B 106 -2.15 -25.54 40.17
CA LYS B 106 -1.21 -26.10 41.14
C LYS B 106 -0.78 -27.46 40.64
N LEU B 107 0.47 -27.59 40.21
CA LEU B 107 1.02 -28.86 39.79
C LEU B 107 1.56 -29.59 41.01
N THR B 108 0.97 -30.73 41.32
CA THR B 108 1.39 -31.56 42.45
C THR B 108 2.13 -32.78 41.91
N VAL B 109 3.37 -32.95 42.34
CA VAL B 109 4.16 -34.13 42.01
C VAL B 109 4.06 -35.11 43.17
N LEU B 110 3.80 -36.37 42.85
CA LEU B 110 3.58 -37.40 43.86
C LEU B 110 4.89 -38.13 44.15
N GLY B 111 5.79 -37.43 44.83
CA GLY B 111 7.07 -38.01 45.19
C GLY B 111 7.07 -38.82 46.46
N GLN B 112 6.01 -38.70 47.27
CA GLN B 112 5.90 -39.47 48.49
C GLN B 112 4.53 -40.13 48.54
N PRO B 113 4.44 -41.34 49.11
CA PRO B 113 3.18 -42.09 49.04
C PRO B 113 2.06 -41.46 49.86
N LYS B 114 0.84 -41.83 49.51
CA LYS B 114 -0.35 -41.30 50.15
C LYS B 114 -0.41 -41.69 51.63
N ALA B 115 -0.80 -40.74 52.47
CA ALA B 115 -0.98 -40.96 53.89
C ALA B 115 -2.35 -40.45 54.31
N ALA B 116 -3.10 -41.28 55.04
CA ALA B 116 -4.41 -40.88 55.52
C ALA B 116 -4.27 -39.89 56.68
N PRO B 117 -5.18 -38.93 56.79
CA PRO B 117 -5.07 -37.92 57.85
C PRO B 117 -5.42 -38.48 59.21
N SER B 118 -4.84 -37.87 60.23
CA SER B 118 -5.19 -38.11 61.63
C SER B 118 -5.97 -36.91 62.14
N VAL B 119 -7.15 -37.15 62.67
CA VAL B 119 -8.09 -36.09 63.03
C VAL B 119 -8.33 -36.12 64.53
N THR B 120 -8.22 -34.96 65.18
CA THR B 120 -8.57 -34.78 66.58
C THR B 120 -9.57 -33.65 66.69
N LEU B 121 -10.71 -33.93 67.33
CA LEU B 121 -11.77 -32.97 67.51
C LEU B 121 -11.88 -32.59 68.99
N PHE B 122 -11.88 -31.28 69.26
CA PHE B 122 -11.94 -30.79 70.63
C PHE B 122 -13.24 -30.03 70.85
N PRO B 123 -14.05 -30.40 71.83
CA PRO B 123 -15.28 -29.65 72.12
C PRO B 123 -14.94 -28.32 72.78
N PRO B 124 -15.89 -27.38 72.81
CA PRO B 124 -15.62 -26.11 73.49
C PRO B 124 -15.29 -26.33 74.96
N SER B 125 -14.29 -25.63 75.44
CA SER B 125 -13.90 -25.75 76.83
C SER B 125 -14.96 -25.13 77.74
N SER B 126 -14.97 -25.56 78.99
CA SER B 126 -15.83 -24.90 79.97
C SER B 126 -15.46 -23.44 80.10
N GLU B 127 -14.16 -23.14 80.17
CA GLU B 127 -13.69 -21.76 80.31
C GLU B 127 -14.26 -20.86 79.23
N GLU B 128 -14.18 -21.30 77.97
CA GLU B 128 -14.73 -20.51 76.87
C GLU B 128 -16.24 -20.39 76.99
N LEU B 129 -16.93 -21.46 77.38
CA LEU B 129 -18.38 -21.43 77.46
C LEU B 129 -18.87 -20.45 78.53
N GLN B 130 -18.14 -20.34 79.64
CA GLN B 130 -18.48 -19.35 80.65
C GLN B 130 -18.29 -17.93 80.14
N ALA B 131 -17.42 -17.74 79.14
CA ALA B 131 -17.21 -16.44 78.51
C ALA B 131 -18.16 -16.19 77.35
N ASN B 132 -19.28 -16.93 77.29
CA ASN B 132 -20.31 -16.74 76.28
C ASN B 132 -19.80 -17.00 74.87
N LYS B 133 -18.84 -17.91 74.73
CA LYS B 133 -18.30 -18.29 73.43
C LYS B 133 -18.14 -19.80 73.37
N ALA B 134 -18.19 -20.34 72.16
CA ALA B 134 -17.98 -21.76 71.92
C ALA B 134 -17.21 -21.95 70.63
N THR B 135 -16.15 -22.75 70.67
CA THR B 135 -15.32 -22.99 69.50
C THR B 135 -15.02 -24.48 69.40
N LEU B 136 -15.28 -25.05 68.22
CA LEU B 136 -14.97 -26.44 67.93
C LEU B 136 -13.67 -26.49 67.15
N VAL B 137 -12.68 -27.21 67.67
CA VAL B 137 -11.34 -27.26 67.08
C VAL B 137 -11.13 -28.64 66.48
N CYS B 138 -10.83 -28.67 65.18
CA CYS B 138 -10.58 -29.90 64.44
C CYS B 138 -9.16 -29.86 63.88
N LEU B 139 -8.31 -30.77 64.35
CA LEU B 139 -6.90 -30.78 63.99
C LEU B 139 -6.61 -31.97 63.08
N ILE B 140 -6.11 -31.68 61.88
CA ILE B 140 -5.84 -32.69 60.86
C ILE B 140 -4.34 -32.70 60.60
N SER B 141 -3.73 -33.89 60.62
CA SER B 141 -2.28 -33.99 60.52
C SER B 141 -1.89 -35.26 59.79
N ASP B 142 -0.65 -35.24 59.26
CA ASP B 142 0.01 -36.43 58.71
C ASP B 142 -0.70 -36.98 57.46
N PHE B 143 -1.08 -36.10 56.55
CA PHE B 143 -1.75 -36.51 55.33
C PHE B 143 -1.00 -36.02 54.09
N TYR B 144 -0.93 -36.90 53.09
CA TYR B 144 -0.36 -36.59 51.77
C TYR B 144 -1.35 -37.07 50.73
N PRO B 145 -1.69 -36.24 49.72
CA PRO B 145 -1.20 -34.88 49.45
C PRO B 145 -1.82 -33.81 50.34
N GLY B 146 -1.27 -32.60 50.29
CA GLY B 146 -1.82 -31.49 51.05
C GLY B 146 -3.11 -30.97 50.46
N ALA B 147 -4.17 -31.78 50.53
CA ALA B 147 -5.48 -31.40 50.02
C ALA B 147 -6.53 -32.16 50.80
N VAL B 148 -7.37 -31.44 51.54
CA VAL B 148 -8.42 -32.04 52.35
C VAL B 148 -9.68 -31.19 52.26
N THR B 149 -10.83 -31.85 52.30
CA THR B 149 -12.12 -31.20 52.37
C THR B 149 -12.70 -31.41 53.77
N VAL B 150 -13.07 -30.33 54.43
CA VAL B 150 -13.59 -30.35 55.79
C VAL B 150 -15.05 -29.95 55.76
N ALA B 151 -15.91 -30.81 56.30
CA ALA B 151 -17.34 -30.52 56.43
C ALA B 151 -17.75 -30.66 57.89
N TRP B 152 -18.58 -29.73 58.35
CA TRP B 152 -19.07 -29.73 59.72
C TRP B 152 -20.55 -30.08 59.74
N LYS B 153 -20.93 -30.97 60.64
CA LYS B 153 -22.30 -31.45 60.73
C LYS B 153 -22.82 -31.27 62.14
N ALA B 154 -23.95 -30.56 62.27
CA ALA B 154 -24.69 -30.50 63.52
C ALA B 154 -25.65 -31.67 63.53
N ASP B 155 -25.44 -32.60 64.46
CA ASP B 155 -26.14 -33.89 64.46
C ASP B 155 -25.87 -34.60 63.13
N SER B 156 -26.77 -34.46 62.17
CA SER B 156 -26.58 -35.04 60.85
C SER B 156 -26.80 -34.03 59.72
N SER B 157 -26.94 -32.73 60.05
CA SER B 157 -27.17 -31.71 59.03
C SER B 157 -25.92 -30.86 58.84
N PRO B 158 -25.59 -30.51 57.59
CA PRO B 158 -24.36 -29.74 57.34
C PRO B 158 -24.44 -28.34 57.94
N VAL B 159 -23.27 -27.84 58.33
CA VAL B 159 -23.11 -26.48 58.84
C VAL B 159 -22.07 -25.77 57.97
N LYS B 160 -22.42 -24.60 57.47
CA LYS B 160 -21.52 -23.81 56.66
C LYS B 160 -21.12 -22.49 57.28
N ALA B 161 -21.94 -21.91 58.15
CA ALA B 161 -21.62 -20.66 58.82
C ALA B 161 -20.80 -20.93 60.07
N GLY B 162 -19.80 -20.07 60.30
CA GLY B 162 -18.91 -20.22 61.43
C GLY B 162 -17.70 -21.10 61.18
N VAL B 163 -17.51 -21.60 59.97
CA VAL B 163 -16.39 -22.48 59.64
C VAL B 163 -15.22 -21.63 59.17
N GLU B 164 -14.04 -21.93 59.70
CA GLU B 164 -12.79 -21.28 59.28
C GLU B 164 -11.72 -22.36 59.18
N THR B 165 -11.24 -22.63 57.96
CA THR B 165 -10.32 -23.72 57.70
C THR B 165 -9.02 -23.18 57.12
N THR B 166 -7.90 -23.71 57.59
CA THR B 166 -6.60 -23.34 57.06
C THR B 166 -6.38 -23.99 55.70
N THR B 167 -5.23 -23.71 55.13
CA THR B 167 -4.67 -24.39 53.99
C THR B 167 -3.59 -25.36 54.45
N PRO B 168 -3.43 -26.50 53.77
CA PRO B 168 -2.42 -27.47 54.21
C PRO B 168 -1.03 -26.87 54.19
N SER B 169 -0.23 -27.26 55.18
CA SER B 169 1.14 -26.78 55.31
C SER B 169 2.05 -27.97 55.61
N LYS B 170 3.26 -27.94 55.04
CA LYS B 170 4.22 -29.01 55.26
C LYS B 170 4.67 -29.02 56.71
N GLN B 171 4.67 -30.20 57.32
CA GLN B 171 5.19 -30.38 58.67
C GLN B 171 6.67 -30.77 58.61
N SER B 172 7.25 -31.02 59.78
CA SER B 172 8.64 -31.46 59.83
C SER B 172 8.82 -32.81 59.14
N ASN B 173 7.85 -33.73 59.31
CA ASN B 173 7.93 -35.07 58.77
C ASN B 173 7.53 -35.15 57.30
N ASN B 174 7.52 -34.02 56.60
CA ASN B 174 7.25 -33.87 55.17
C ASN B 174 5.79 -34.12 54.81
N LYS B 175 4.92 -34.47 55.76
CA LYS B 175 3.51 -34.59 55.50
C LYS B 175 2.85 -33.23 55.68
N TYR B 176 1.52 -33.18 55.60
CA TYR B 176 0.79 -31.92 55.65
C TYR B 176 -0.16 -31.91 56.84
N ALA B 177 -0.48 -30.69 57.31
CA ALA B 177 -1.36 -30.50 58.45
C ALA B 177 -2.33 -29.36 58.15
N ALA B 178 -3.48 -29.41 58.84
CA ALA B 178 -4.48 -28.36 58.71
C ALA B 178 -5.35 -28.37 59.95
N SER B 179 -6.05 -27.26 60.16
CA SER B 179 -6.97 -27.12 61.29
C SER B 179 -8.22 -26.39 60.83
N SER B 180 -9.38 -26.80 61.37
CA SER B 180 -10.65 -26.17 61.06
C SER B 180 -11.35 -25.80 62.36
N TYR B 181 -11.97 -24.63 62.38
CA TYR B 181 -12.63 -24.10 63.57
C TYR B 181 -14.08 -23.82 63.25
N LEU B 182 -14.98 -24.29 64.12
CA LEU B 182 -16.40 -24.01 64.02
C LEU B 182 -16.81 -23.10 65.16
N SER B 183 -17.43 -21.97 64.83
CA SER B 183 -17.84 -20.98 65.81
C SER B 183 -19.34 -21.10 66.07
N LEU B 184 -19.70 -21.25 67.35
CA LEU B 184 -21.10 -21.27 67.76
C LEU B 184 -21.23 -20.52 69.08
N THR B 185 -22.45 -20.07 69.35
CA THR B 185 -22.76 -19.62 70.70
C THR B 185 -23.01 -20.85 71.57
N PRO B 186 -22.85 -20.72 72.89
CA PRO B 186 -23.10 -21.87 73.78
C PRO B 186 -24.51 -22.42 73.64
N GLU B 187 -25.46 -21.60 73.20
CA GLU B 187 -26.83 -22.05 73.06
C GLU B 187 -26.98 -23.07 71.94
N GLN B 188 -26.40 -22.79 70.77
CA GLN B 188 -26.44 -23.76 69.68
C GLN B 188 -25.65 -25.01 70.02
N TRP B 189 -24.55 -24.86 70.75
CA TRP B 189 -23.75 -26.02 71.13
C TRP B 189 -24.55 -26.99 71.98
N LYS B 190 -25.28 -26.47 72.97
CA LYS B 190 -26.06 -27.33 73.86
C LYS B 190 -27.33 -27.86 73.21
N SER B 191 -27.90 -27.12 72.25
CA SER B 191 -29.20 -27.49 71.70
C SER B 191 -29.12 -28.71 70.78
N HIS B 192 -27.93 -29.09 70.34
CA HIS B 192 -27.75 -30.23 69.45
C HIS B 192 -27.17 -31.41 70.22
N ARG B 193 -27.50 -32.62 69.76
CA ARG B 193 -27.04 -33.82 70.43
C ARG B 193 -25.54 -34.03 70.23
N SER B 194 -25.02 -33.69 69.05
CA SER B 194 -23.61 -33.87 68.78
C SER B 194 -23.21 -33.02 67.58
N TYR B 195 -21.90 -32.82 67.44
CA TYR B 195 -21.32 -32.14 66.31
C TYR B 195 -20.20 -33.02 65.74
N SER B 196 -20.09 -33.05 64.42
CA SER B 196 -19.14 -33.91 63.74
C SER B 196 -18.21 -33.10 62.85
N CYS B 197 -16.94 -33.48 62.82
CA CYS B 197 -15.95 -32.95 61.88
C CYS B 197 -15.63 -34.02 60.86
N GLN B 198 -16.00 -33.76 59.60
CA GLN B 198 -15.86 -34.72 58.51
C GLN B 198 -14.70 -34.30 57.63
N VAL B 199 -13.67 -35.13 57.55
CA VAL B 199 -12.48 -34.86 56.76
C VAL B 199 -12.41 -35.88 55.62
N THR B 200 -12.46 -35.39 54.39
CA THR B 200 -12.35 -36.21 53.20
C THR B 200 -10.98 -36.04 52.58
N HIS B 201 -10.37 -37.15 52.17
CA HIS B 201 -9.00 -37.11 51.63
C HIS B 201 -8.83 -38.29 50.67
N GLU B 202 -8.69 -37.98 49.38
CA GLU B 202 -8.47 -38.98 48.34
C GLU B 202 -9.59 -40.02 48.30
N GLY B 203 -10.83 -39.55 48.40
CA GLY B 203 -11.99 -40.42 48.33
C GLY B 203 -12.30 -41.16 49.61
N SER B 204 -11.51 -40.97 50.66
CA SER B 204 -11.73 -41.62 51.95
C SER B 204 -12.05 -40.55 52.99
N THR B 205 -12.99 -40.88 53.87
CA THR B 205 -13.50 -39.93 54.84
C THR B 205 -13.22 -40.42 56.26
N VAL B 206 -12.71 -39.52 57.10
CA VAL B 206 -12.55 -39.76 58.53
C VAL B 206 -13.38 -38.73 59.27
N GLU B 207 -14.27 -39.20 60.14
CA GLU B 207 -15.20 -38.34 60.84
C GLU B 207 -15.02 -38.52 62.34
N LYS B 208 -14.95 -37.39 63.06
CA LYS B 208 -14.89 -37.38 64.52
C LYS B 208 -16.07 -36.60 65.06
N THR B 209 -16.62 -37.06 66.19
CA THR B 209 -17.83 -36.49 66.75
C THR B 209 -17.62 -36.16 68.22
N VAL B 210 -18.17 -35.03 68.66
CA VAL B 210 -18.16 -34.63 70.06
C VAL B 210 -19.58 -34.29 70.47
N ALA B 211 -19.86 -34.42 71.77
CA ALA B 211 -21.19 -34.21 72.30
C ALA B 211 -21.14 -33.22 73.46
N PRO B 212 -22.22 -32.47 73.68
CA PRO B 212 -22.26 -31.50 74.77
C PRO B 212 -22.45 -32.11 76.16
N THR B 213 -22.36 -33.43 76.29
CA THR B 213 -22.52 -34.07 77.59
C THR B 213 -21.28 -33.82 78.43
N GLU B 214 -21.11 -32.59 78.91
CA GLU B 214 -19.95 -32.22 79.70
C GLU B 214 -20.34 -31.23 80.80
N THR C 15 2.40 -17.84 -25.19
CA THR C 15 3.64 -18.07 -24.47
C THR C 15 4.57 -16.86 -24.60
N ASN C 16 4.00 -15.72 -24.96
CA ASN C 16 4.76 -14.48 -25.06
C ASN C 16 4.93 -13.86 -23.68
N LEU C 17 6.16 -13.47 -23.35
CA LEU C 17 6.45 -12.89 -22.05
C LEU C 17 6.06 -11.41 -22.04
N CYS C 18 5.32 -11.00 -21.03
CA CYS C 18 4.86 -9.62 -20.96
C CYS C 18 6.06 -8.68 -20.78
N PRO C 19 6.09 -7.56 -21.51
CA PRO C 19 7.26 -6.66 -21.48
C PRO C 19 7.31 -5.81 -20.22
N PHE C 20 7.39 -6.49 -19.07
CA PHE C 20 7.50 -5.76 -17.80
C PHE C 20 8.87 -5.11 -17.66
N ASP C 21 9.92 -5.78 -18.14
CA ASP C 21 11.26 -5.22 -18.01
C ASP C 21 11.39 -3.91 -18.77
N GLU C 22 10.79 -3.84 -19.98
CA GLU C 22 10.87 -2.61 -20.76
C GLU C 22 10.18 -1.45 -20.05
N VAL C 23 9.06 -1.73 -19.38
CA VAL C 23 8.38 -0.69 -18.61
C VAL C 23 9.23 -0.29 -17.40
N PHE C 24 9.73 -1.28 -16.66
CA PHE C 24 10.41 -1.00 -15.40
C PHE C 24 11.84 -0.50 -15.63
N ASN C 25 12.58 -1.14 -16.53
CA ASN C 25 13.97 -0.77 -16.79
C ASN C 25 14.12 0.29 -17.86
N ALA C 26 13.09 1.11 -18.07
CA ALA C 26 13.20 2.21 -19.02
C ALA C 26 14.23 3.22 -18.55
N THR C 27 15.06 3.69 -19.49
CA THR C 27 16.16 4.58 -19.12
C THR C 27 15.64 5.90 -18.56
N THR C 28 14.58 6.45 -19.15
CA THR C 28 14.00 7.71 -18.72
C THR C 28 12.55 7.49 -18.31
N PHE C 29 12.14 8.15 -17.23
CA PHE C 29 10.77 8.13 -16.77
C PHE C 29 10.15 9.51 -16.95
N ALA C 30 8.88 9.54 -17.35
CA ALA C 30 8.21 10.81 -17.56
C ALA C 30 7.91 11.50 -16.23
N SER C 31 7.74 12.82 -16.30
CA SER C 31 7.31 13.56 -15.15
C SER C 31 5.88 13.17 -14.77
N VAL C 32 5.53 13.38 -13.50
CA VAL C 32 4.24 12.92 -13.00
C VAL C 32 3.09 13.63 -13.72
N TYR C 33 3.26 14.92 -14.01
CA TYR C 33 2.21 15.65 -14.73
C TYR C 33 2.03 15.10 -16.13
N ALA C 34 3.09 14.55 -16.72
CA ALA C 34 3.05 13.99 -18.08
C ALA C 34 3.29 12.49 -18.05
N TRP C 35 2.63 11.79 -17.12
CA TRP C 35 2.89 10.38 -16.91
C TRP C 35 2.59 9.56 -18.15
N ASN C 36 3.47 8.59 -18.42
CA ASN C 36 3.34 7.71 -19.57
C ASN C 36 2.44 6.53 -19.23
N ARG C 37 1.81 5.98 -20.27
CA ARG C 37 0.96 4.80 -20.13
C ARG C 37 1.24 3.84 -21.28
N LYS C 38 1.42 2.56 -20.95
CA LYS C 38 1.59 1.51 -21.96
C LYS C 38 0.67 0.36 -21.59
N ARG C 39 -0.09 -0.12 -22.58
CA ARG C 39 -1.05 -1.20 -22.35
C ARG C 39 -0.38 -2.54 -22.59
N ILE C 40 -0.61 -3.47 -21.67
CA ILE C 40 -0.05 -4.83 -21.72
C ILE C 40 -1.18 -5.77 -22.09
N SER C 41 -0.98 -6.54 -23.16
CA SER C 41 -2.00 -7.49 -23.60
C SER C 41 -1.35 -8.58 -24.43
N ASN C 42 -2.08 -9.70 -24.55
CA ASN C 42 -1.67 -10.84 -25.39
C ASN C 42 -0.30 -11.37 -24.98
N CYS C 43 -0.11 -11.57 -23.68
CA CYS C 43 1.15 -12.09 -23.18
C CYS C 43 0.92 -12.78 -21.84
N VAL C 44 1.87 -13.64 -21.47
CA VAL C 44 1.85 -14.31 -20.17
C VAL C 44 2.58 -13.43 -19.18
N ALA C 45 1.90 -13.05 -18.10
CA ALA C 45 2.42 -12.09 -17.14
C ALA C 45 3.13 -12.84 -16.01
N ASP C 46 4.45 -12.91 -16.09
CA ASP C 46 5.27 -13.46 -15.00
C ASP C 46 5.60 -12.30 -14.08
N TYR C 47 4.85 -12.17 -12.98
CA TYR C 47 5.13 -11.13 -12.00
C TYR C 47 6.35 -11.43 -11.15
N SER C 48 7.08 -12.52 -11.46
CA SER C 48 8.33 -12.86 -10.79
C SER C 48 9.54 -12.49 -11.63
N VAL C 49 9.35 -11.82 -12.76
CA VAL C 49 10.46 -11.38 -13.61
C VAL C 49 11.20 -10.20 -13.01
N LEU C 50 10.77 -9.72 -11.84
CA LEU C 50 11.38 -8.56 -11.21
C LEU C 50 12.77 -8.93 -10.70
N TYR C 51 13.80 -8.55 -11.47
CA TYR C 51 15.19 -8.71 -11.06
C TYR C 51 15.68 -7.53 -10.24
N ASN C 52 14.78 -6.66 -9.79
CA ASN C 52 15.13 -5.46 -9.04
C ASN C 52 14.24 -5.37 -7.80
N PHE C 53 14.86 -5.23 -6.64
CA PHE C 53 14.14 -4.95 -5.39
C PHE C 53 14.96 -3.87 -4.66
N ALA C 54 14.67 -2.61 -4.96
CA ALA C 54 15.39 -1.51 -4.35
C ALA C 54 15.08 -1.44 -2.85
N PRO C 55 16.06 -1.00 -2.04
CA PRO C 55 15.87 -0.98 -0.58
C PRO C 55 14.60 -0.26 -0.13
N PHE C 56 13.74 -0.99 0.57
CA PHE C 56 12.50 -0.46 1.13
C PHE C 56 11.61 0.15 0.04
N PHE C 57 11.36 -0.64 -1.00
CA PHE C 57 10.44 -0.27 -2.06
C PHE C 57 9.01 -0.65 -1.68
N ALA C 58 8.06 0.08 -2.27
CA ALA C 58 6.65 -0.10 -1.96
C ALA C 58 5.99 -0.97 -3.02
N PHE C 59 5.16 -1.91 -2.55
CA PHE C 59 4.40 -2.80 -3.43
C PHE C 59 2.97 -2.86 -2.86
N LYS C 60 2.14 -1.91 -3.29
CA LYS C 60 0.79 -1.75 -2.75
C LYS C 60 -0.21 -2.22 -3.79
N CYS C 61 -0.99 -3.24 -3.45
CA CYS C 61 -2.00 -3.81 -4.33
C CYS C 61 -3.37 -3.59 -3.73
N TYR C 62 -4.30 -3.10 -4.53
CA TYR C 62 -5.65 -2.78 -4.08
C TYR C 62 -6.66 -3.61 -4.88
N GLY C 63 -7.58 -4.25 -4.18
CA GLY C 63 -8.57 -5.09 -4.82
C GLY C 63 -8.05 -6.39 -5.39
N VAL C 64 -6.83 -6.78 -5.03
CA VAL C 64 -6.25 -8.02 -5.51
C VAL C 64 -5.16 -8.45 -4.54
N SER C 65 -4.97 -9.76 -4.41
CA SER C 65 -3.92 -10.31 -3.56
C SER C 65 -2.69 -10.58 -4.41
N PRO C 66 -1.54 -9.98 -4.11
CA PRO C 66 -0.36 -10.19 -4.95
C PRO C 66 0.18 -11.61 -4.90
N THR C 67 -0.19 -12.40 -3.89
CA THR C 67 0.29 -13.77 -3.80
C THR C 67 -0.30 -14.66 -4.89
N LYS C 68 -1.52 -14.38 -5.32
CA LYS C 68 -2.19 -15.17 -6.35
C LYS C 68 -2.10 -14.54 -7.73
N LEU C 69 -1.27 -13.51 -7.90
CA LEU C 69 -1.22 -12.77 -9.15
C LEU C 69 -0.84 -13.65 -10.33
N ASN C 70 -0.10 -14.73 -10.08
CA ASN C 70 0.23 -15.68 -11.14
C ASN C 70 -0.87 -16.69 -11.40
N ASP C 71 -1.97 -16.62 -10.67
CA ASP C 71 -3.12 -17.51 -10.85
C ASP C 71 -4.35 -16.77 -11.34
N LEU C 72 -4.19 -15.57 -11.89
CA LEU C 72 -5.31 -14.77 -12.36
C LEU C 72 -5.10 -14.37 -13.81
N CYS C 73 -6.22 -14.12 -14.49
CA CYS C 73 -6.21 -13.72 -15.90
C CYS C 73 -7.02 -12.44 -16.06
N PHE C 74 -6.52 -11.54 -16.91
CA PHE C 74 -7.11 -10.23 -17.11
C PHE C 74 -7.21 -9.92 -18.59
N THR C 75 -8.22 -9.12 -18.95
CA THR C 75 -8.39 -8.73 -20.34
C THR C 75 -7.26 -7.81 -20.79
N ASN C 76 -6.93 -6.80 -19.97
CA ASN C 76 -5.86 -5.88 -20.30
C ASN C 76 -5.18 -5.43 -19.01
N VAL C 77 -3.92 -5.01 -19.15
CA VAL C 77 -3.16 -4.42 -18.06
C VAL C 77 -2.58 -3.11 -18.55
N TYR C 78 -2.78 -2.04 -17.79
CA TYR C 78 -2.28 -0.71 -18.12
C TYR C 78 -1.17 -0.36 -17.13
N ALA C 79 0.01 -0.04 -17.65
CA ALA C 79 1.17 0.30 -16.83
C ALA C 79 1.45 1.78 -16.97
N ASP C 80 1.31 2.52 -15.87
CA ASP C 80 1.56 3.94 -15.83
C ASP C 80 2.86 4.19 -15.06
N SER C 81 3.77 4.96 -15.65
CA SER C 81 5.08 5.21 -15.07
C SER C 81 5.34 6.71 -14.98
N PHE C 82 5.90 7.13 -13.85
CA PHE C 82 6.24 8.53 -13.63
C PHE C 82 7.25 8.59 -12.48
N VAL C 83 7.60 9.82 -12.10
CA VAL C 83 8.57 10.08 -11.04
C VAL C 83 8.00 11.11 -10.09
N ILE C 84 8.05 10.83 -8.79
CA ILE C 84 7.59 11.74 -7.74
C ILE C 84 8.59 11.70 -6.60
N ARG C 85 8.34 12.52 -5.58
CA ARG C 85 9.15 12.50 -4.38
C ARG C 85 8.78 11.30 -3.49
N GLY C 86 9.63 11.05 -2.51
CA GLY C 86 9.38 9.93 -1.60
C GLY C 86 8.14 10.10 -0.76
N ASN C 87 7.94 11.30 -0.19
CA ASN C 87 6.79 11.54 0.66
C ASN C 87 5.48 11.50 -0.12
N GLU C 88 5.53 11.58 -1.45
CA GLU C 88 4.34 11.54 -2.28
C GLU C 88 3.97 10.13 -2.73
N VAL C 89 4.73 9.11 -2.32
CA VAL C 89 4.43 7.74 -2.73
C VAL C 89 3.11 7.28 -2.13
N SER C 90 2.85 7.64 -0.87
CA SER C 90 1.58 7.29 -0.25
C SER C 90 0.40 7.94 -0.96
N GLN C 91 0.65 8.98 -1.75
CA GLN C 91 -0.41 9.66 -2.48
C GLN C 91 -0.88 8.88 -3.71
N ILE C 92 -0.09 7.91 -4.18
CA ILE C 92 -0.49 7.09 -5.34
C ILE C 92 -1.25 5.91 -4.76
N ALA C 93 -2.54 6.15 -4.49
CA ALA C 93 -3.42 5.18 -3.84
C ALA C 93 -4.85 5.68 -3.92
N PRO C 94 -5.84 4.79 -3.92
CA PRO C 94 -7.24 5.25 -3.96
C PRO C 94 -7.57 6.11 -2.76
N GLY C 95 -8.44 7.10 -3.00
CA GLY C 95 -8.91 7.95 -1.92
C GLY C 95 -7.89 8.89 -1.33
N GLN C 96 -6.82 9.19 -2.05
CA GLN C 96 -5.81 10.11 -1.55
C GLN C 96 -6.14 11.54 -1.97
N THR C 97 -5.44 12.49 -1.33
CA THR C 97 -5.68 13.90 -1.55
C THR C 97 -4.35 14.64 -1.56
N GLY C 98 -4.34 15.79 -2.23
CA GLY C 98 -3.17 16.65 -2.29
C GLY C 98 -2.82 16.99 -3.73
N ASN C 99 -1.67 17.64 -3.90
CA ASN C 99 -1.28 18.15 -5.21
C ASN C 99 -1.09 17.02 -6.22
N ILE C 100 -0.38 15.97 -5.82
CA ILE C 100 -0.13 14.87 -6.76
C ILE C 100 -1.41 14.09 -7.02
N ALA C 101 -2.20 13.84 -5.97
CA ALA C 101 -3.42 13.04 -6.13
C ALA C 101 -4.48 13.80 -6.93
N ASP C 102 -4.60 15.11 -6.70
CA ASP C 102 -5.67 15.88 -7.32
C ASP C 102 -5.27 16.53 -8.64
N TYR C 103 -4.00 16.92 -8.79
CA TYR C 103 -3.59 17.70 -9.95
C TYR C 103 -2.68 16.97 -10.92
N ASN C 104 -2.08 15.84 -10.52
CA ASN C 104 -1.10 15.17 -11.36
C ASN C 104 -1.50 13.75 -11.73
N TYR C 105 -1.94 12.94 -10.77
CA TYR C 105 -2.27 11.54 -11.04
C TYR C 105 -3.24 11.06 -9.98
N LYS C 106 -4.44 10.66 -10.42
CA LYS C 106 -5.52 10.26 -9.51
C LYS C 106 -5.94 8.83 -9.81
N LEU C 107 -5.96 8.00 -8.77
CA LEU C 107 -6.50 6.66 -8.91
C LEU C 107 -7.97 6.65 -8.52
N PRO C 108 -8.80 5.85 -9.20
CA PRO C 108 -10.21 5.75 -8.81
C PRO C 108 -10.35 5.02 -7.47
N ASP C 109 -11.46 5.32 -6.79
CA ASP C 109 -11.73 4.66 -5.51
C ASP C 109 -11.94 3.16 -5.69
N ASP C 110 -12.42 2.75 -6.87
CA ASP C 110 -12.57 1.33 -7.21
C ASP C 110 -11.36 0.78 -7.95
N PHE C 111 -10.17 1.34 -7.72
CA PHE C 111 -8.98 0.92 -8.45
C PHE C 111 -8.66 -0.54 -8.15
N THR C 112 -8.31 -1.26 -9.21
CA THR C 112 -7.92 -2.67 -9.12
C THR C 112 -6.55 -2.81 -9.76
N GLY C 113 -5.51 -2.90 -8.94
CA GLY C 113 -4.17 -3.02 -9.47
C GLY C 113 -3.14 -2.85 -8.36
N CYS C 114 -1.89 -2.70 -8.77
CA CYS C 114 -0.77 -2.59 -7.85
C CYS C 114 0.04 -1.34 -8.17
N VAL C 115 0.50 -0.67 -7.12
CA VAL C 115 1.37 0.50 -7.22
C VAL C 115 2.74 0.11 -6.72
N ILE C 116 3.75 0.23 -7.58
CA ILE C 116 5.13 -0.16 -7.26
C ILE C 116 5.99 1.09 -7.31
N ALA C 117 6.70 1.37 -6.22
CA ALA C 117 7.59 2.51 -6.12
C ALA C 117 8.93 2.06 -5.58
N TRP C 118 10.00 2.71 -6.03
CA TRP C 118 11.33 2.39 -5.56
C TRP C 118 12.23 3.62 -5.72
N ASN C 119 13.27 3.68 -4.88
CA ASN C 119 14.17 4.82 -4.89
C ASN C 119 15.01 4.84 -6.17
N SER C 120 15.20 6.04 -6.72
CA SER C 120 16.00 6.24 -7.93
C SER C 120 16.91 7.43 -7.78
N ASN C 121 17.52 7.59 -6.60
CA ASN C 121 18.43 8.71 -6.37
C ASN C 121 19.65 8.63 -7.28
N LYS C 122 20.20 7.43 -7.47
CA LYS C 122 21.36 7.26 -8.32
C LYS C 122 21.05 7.50 -9.80
N LEU C 123 19.77 7.47 -10.18
CA LEU C 123 19.37 7.58 -11.58
C LEU C 123 18.82 8.96 -11.94
N ASP C 124 17.95 9.53 -11.10
CA ASP C 124 17.23 10.75 -11.43
C ASP C 124 17.68 11.95 -10.61
N SER C 125 18.88 11.91 -10.05
CA SER C 125 19.46 13.04 -9.34
C SER C 125 20.81 13.38 -9.94
N THR C 126 21.04 14.67 -10.15
CA THR C 126 22.31 15.17 -10.66
C THR C 126 22.90 16.15 -9.66
N VAL C 127 24.22 16.35 -9.76
CA VAL C 127 24.94 17.16 -8.79
C VAL C 127 24.37 18.58 -8.74
N GLY C 128 24.13 19.17 -9.92
CA GLY C 128 23.55 20.50 -9.96
C GLY C 128 22.05 20.55 -9.73
N GLY C 129 21.37 19.41 -9.77
CA GLY C 129 19.93 19.38 -9.61
C GLY C 129 19.19 19.05 -10.90
N ASN C 130 18.33 18.04 -10.85
CA ASN C 130 17.57 17.62 -12.02
C ASN C 130 16.27 18.41 -12.06
N TYR C 131 16.23 19.45 -12.90
CA TYR C 131 15.05 20.28 -13.05
C TYR C 131 14.13 19.81 -14.17
N ASN C 132 14.51 18.77 -14.91
CA ASN C 132 13.65 18.25 -15.96
C ASN C 132 12.42 17.54 -15.41
N TYR C 133 12.46 17.10 -14.16
CA TYR C 133 11.32 16.46 -13.52
C TYR C 133 10.46 17.51 -12.85
N ARG C 134 9.19 17.58 -13.23
CA ARG C 134 8.27 18.61 -12.77
C ARG C 134 6.97 18.00 -12.33
N TYR C 135 6.12 18.83 -11.71
CA TYR C 135 4.80 18.43 -11.25
C TYR C 135 3.87 19.63 -11.35
N ARG C 136 2.58 19.34 -11.51
CA ARG C 136 1.58 20.41 -11.62
C ARG C 136 1.24 20.92 -10.23
N LEU C 137 1.41 22.22 -10.02
CA LEU C 137 1.15 22.84 -8.73
C LEU C 137 -0.28 23.35 -8.61
N PHE C 138 -0.77 24.05 -9.62
CA PHE C 138 -2.10 24.63 -9.60
C PHE C 138 -2.94 24.10 -10.76
N ARG C 139 -4.25 24.09 -10.56
CA ARG C 139 -5.21 23.69 -11.58
C ARG C 139 -6.60 24.13 -11.14
N LYS C 140 -7.44 24.47 -12.11
CA LYS C 140 -8.78 24.97 -11.81
C LYS C 140 -9.68 23.91 -11.22
N SER C 141 -9.35 22.63 -11.36
CA SER C 141 -10.21 21.57 -10.83
C SER C 141 -9.38 20.32 -10.60
N ASN C 142 -9.93 19.44 -9.75
CA ASN C 142 -9.30 18.16 -9.50
C ASN C 142 -9.33 17.28 -10.75
N LEU C 143 -8.29 16.46 -10.91
CA LEU C 143 -8.23 15.55 -12.03
C LEU C 143 -9.30 14.46 -11.91
N LYS C 144 -9.81 14.02 -13.05
CA LYS C 144 -10.63 12.83 -13.10
C LYS C 144 -9.74 11.62 -12.80
N PRO C 145 -10.33 10.50 -12.41
CA PRO C 145 -9.53 9.26 -12.30
C PRO C 145 -8.85 8.96 -13.63
N PHE C 146 -7.54 8.70 -13.55
CA PHE C 146 -6.70 8.44 -14.72
C PHE C 146 -6.58 9.65 -15.65
N GLU C 147 -6.95 10.84 -15.20
CA GLU C 147 -6.78 12.03 -16.02
C GLU C 147 -5.30 12.41 -16.12
N ARG C 148 -4.96 13.03 -17.25
CA ARG C 148 -3.62 13.53 -17.48
C ARG C 148 -3.72 14.92 -18.10
N ASP C 149 -3.01 15.88 -17.49
CA ASP C 149 -3.02 17.27 -17.94
C ASP C 149 -1.63 17.66 -18.43
N ILE C 150 -1.60 18.40 -19.53
CA ILE C 150 -0.35 18.80 -20.17
C ILE C 150 -0.20 20.31 -20.27
N SER C 151 -1.29 21.06 -20.20
CA SER C 151 -1.32 22.47 -20.57
C SER C 151 -0.26 23.29 -19.85
N THR C 152 0.14 24.38 -20.51
CA THR C 152 1.10 25.35 -20.00
C THR C 152 0.41 26.61 -19.48
N GLU C 153 -0.89 26.75 -19.75
CA GLU C 153 -1.65 27.96 -19.46
C GLU C 153 -1.36 28.50 -18.06
N ILE C 154 -1.20 29.81 -17.97
CA ILE C 154 -0.91 30.46 -16.69
C ILE C 154 -2.14 30.41 -15.80
N TYR C 155 -1.95 29.91 -14.57
CA TYR C 155 -3.06 29.77 -13.64
C TYR C 155 -3.43 31.13 -13.04
N GLN C 156 -4.73 31.44 -13.04
CA GLN C 156 -5.23 32.70 -12.53
C GLN C 156 -5.76 32.48 -11.12
N ALA C 157 -5.05 33.01 -10.12
CA ALA C 157 -5.49 32.90 -8.74
C ALA C 157 -6.29 34.09 -8.26
N GLY C 158 -6.21 35.22 -8.97
CA GLY C 158 -6.96 36.40 -8.59
C GLY C 158 -8.18 36.65 -9.45
N ASN C 159 -8.35 37.89 -9.91
CA ASN C 159 -9.49 38.24 -10.75
C ASN C 159 -9.01 38.92 -12.03
N LYS C 160 -7.88 39.61 -11.97
CA LYS C 160 -7.31 40.21 -13.16
C LYS C 160 -6.93 39.11 -14.16
N PRO C 161 -7.23 39.29 -15.45
CA PRO C 161 -6.88 38.26 -16.43
C PRO C 161 -5.39 38.16 -16.63
N CYS C 162 -4.89 36.92 -16.72
CA CYS C 162 -3.47 36.70 -16.93
C CYS C 162 -3.04 37.09 -18.33
N ASN C 163 -3.91 36.90 -19.32
CA ASN C 163 -3.62 37.19 -20.73
C ASN C 163 -2.41 36.42 -21.23
N GLY C 164 -2.15 35.25 -20.64
CA GLY C 164 -1.04 34.41 -21.05
C GLY C 164 0.31 34.79 -20.50
N VAL C 165 0.40 35.86 -19.72
CA VAL C 165 1.66 36.29 -19.14
C VAL C 165 1.63 36.02 -17.64
N ALA C 166 2.80 35.71 -17.09
CA ALA C 166 2.92 35.35 -15.68
C ALA C 166 3.27 36.57 -14.84
N GLY C 167 2.67 36.63 -13.65
CA GLY C 167 2.93 37.73 -12.74
C GLY C 167 2.21 37.58 -11.41
N VAL C 168 1.73 38.70 -10.88
CA VAL C 168 1.01 38.68 -9.61
C VAL C 168 -0.33 37.98 -9.80
N ASN C 169 -0.59 36.97 -8.96
CA ASN C 169 -1.78 36.12 -9.05
C ASN C 169 -1.87 35.39 -10.39
N CYS C 170 -0.74 35.21 -11.08
CA CYS C 170 -0.68 34.51 -12.34
C CYS C 170 0.62 33.70 -12.35
N TYR C 171 0.52 32.42 -11.97
CA TYR C 171 1.69 31.58 -11.79
C TYR C 171 1.76 30.50 -12.87
N PHE C 172 2.98 30.10 -13.20
CA PHE C 172 3.19 28.95 -14.08
C PHE C 172 2.68 27.70 -13.40
N PRO C 173 1.89 26.86 -14.10
CA PRO C 173 1.26 25.70 -13.42
C PRO C 173 2.24 24.61 -13.01
N LEU C 174 3.46 24.61 -13.52
CA LEU C 174 4.41 23.55 -13.28
C LEU C 174 5.56 24.05 -12.41
N GLN C 175 6.05 23.18 -11.53
CA GLN C 175 7.22 23.46 -10.70
C GLN C 175 8.18 22.28 -10.78
N SER C 176 9.47 22.58 -10.83
CA SER C 176 10.50 21.56 -10.96
C SER C 176 10.88 21.00 -9.59
N TYR C 177 11.22 19.72 -9.57
CA TYR C 177 11.63 19.07 -8.32
C TYR C 177 13.04 19.49 -7.91
N GLY C 178 13.96 19.62 -8.87
CA GLY C 178 15.33 19.95 -8.56
C GLY C 178 16.03 18.88 -7.74
N PHE C 179 15.86 17.62 -8.16
CA PHE C 179 16.40 16.50 -7.40
C PHE C 179 17.92 16.58 -7.30
N ARG C 180 18.43 16.41 -6.08
CA ARG C 180 19.86 16.42 -5.81
C ARG C 180 20.22 15.20 -4.99
N PRO C 181 21.45 14.68 -5.16
CA PRO C 181 21.86 13.50 -4.38
C PRO C 181 21.87 13.73 -2.88
N THR C 182 22.14 14.96 -2.43
CA THR C 182 22.24 15.26 -1.01
C THR C 182 20.88 15.49 -0.36
N TYR C 183 19.80 15.40 -1.12
CA TYR C 183 18.47 15.57 -0.55
C TYR C 183 18.12 14.42 0.39
N GLY C 184 17.11 14.65 1.22
CA GLY C 184 16.59 13.61 2.08
C GLY C 184 15.82 12.57 1.29
N VAL C 185 15.52 11.46 1.96
CA VAL C 185 14.80 10.36 1.31
C VAL C 185 13.40 10.81 0.91
N GLY C 186 12.77 11.64 1.74
CA GLY C 186 11.45 12.15 1.40
C GLY C 186 11.46 13.03 0.16
N HIS C 187 12.52 13.79 -0.04
CA HIS C 187 12.65 14.68 -1.19
C HIS C 187 13.39 14.03 -2.36
N GLN C 188 13.72 12.74 -2.25
CA GLN C 188 14.45 12.02 -3.27
C GLN C 188 13.52 11.54 -4.39
N PRO C 189 14.04 11.33 -5.61
CA PRO C 189 13.20 10.83 -6.69
C PRO C 189 12.82 9.37 -6.46
N TYR C 190 11.58 9.04 -6.84
CA TYR C 190 11.07 7.67 -6.75
C TYR C 190 10.34 7.34 -8.03
N ARG C 191 10.79 6.29 -8.71
CA ARG C 191 10.11 5.83 -9.92
C ARG C 191 8.91 4.98 -9.54
N VAL C 192 7.75 5.31 -10.11
CA VAL C 192 6.50 4.66 -9.79
C VAL C 192 5.98 3.96 -11.04
N VAL C 193 5.58 2.70 -10.90
CA VAL C 193 4.91 1.96 -11.95
C VAL C 193 3.57 1.50 -11.39
N VAL C 194 2.48 2.00 -11.94
CA VAL C 194 1.13 1.64 -11.50
C VAL C 194 0.55 0.67 -12.52
N LEU C 195 0.22 -0.52 -12.06
CA LEU C 195 -0.41 -1.54 -12.91
C LEU C 195 -1.92 -1.49 -12.69
N SER C 196 -2.66 -1.34 -13.78
CA SER C 196 -4.11 -1.32 -13.75
C SER C 196 -4.63 -2.64 -14.30
N PHE C 197 -5.43 -3.33 -13.50
CA PHE C 197 -5.95 -4.64 -13.87
C PHE C 197 -7.40 -4.48 -14.34
N GLU C 198 -7.67 -4.94 -15.56
CA GLU C 198 -8.95 -4.71 -16.22
C GLU C 198 -9.60 -6.05 -16.54
N LEU C 199 -10.90 -6.15 -16.29
CA LEU C 199 -11.69 -7.33 -16.60
C LEU C 199 -12.94 -6.91 -17.38
N LEU C 200 -12.93 -7.18 -18.69
CA LEU C 200 -14.05 -6.87 -19.56
C LEU C 200 -14.78 -8.16 -19.95
N HIS C 201 -15.93 -8.00 -20.61
CA HIS C 201 -16.66 -9.13 -21.16
C HIS C 201 -16.01 -9.56 -22.48
N ALA C 202 -14.74 -9.93 -22.38
CA ALA C 202 -13.91 -10.29 -23.51
C ALA C 202 -12.92 -11.35 -23.05
N PRO C 203 -12.35 -12.11 -23.99
CA PRO C 203 -11.35 -13.11 -23.59
C PRO C 203 -10.17 -12.48 -22.87
N ALA C 204 -9.68 -13.17 -21.85
CA ALA C 204 -8.54 -12.69 -21.08
C ALA C 204 -7.25 -12.88 -21.87
N THR C 205 -6.45 -11.82 -21.96
CA THR C 205 -5.23 -11.85 -22.75
C THR C 205 -3.96 -11.80 -21.92
N VAL C 206 -4.04 -11.37 -20.67
CA VAL C 206 -2.90 -11.32 -19.77
C VAL C 206 -3.15 -12.33 -18.65
N CYS C 207 -2.33 -13.39 -18.62
CA CYS C 207 -2.50 -14.47 -17.66
C CYS C 207 -1.18 -14.73 -16.95
N GLY C 208 -1.27 -15.24 -15.73
CA GLY C 208 -0.11 -15.67 -15.00
C GLY C 208 0.49 -16.92 -15.62
N PRO C 209 1.74 -17.23 -15.27
CA PRO C 209 2.38 -18.42 -15.84
C PRO C 209 1.67 -19.72 -15.51
N LYS C 210 0.93 -19.77 -14.40
CA LYS C 210 0.17 -20.94 -14.00
C LYS C 210 -1.22 -20.98 -14.63
N LYS C 211 -1.60 -19.97 -15.40
CA LYS C 211 -2.91 -19.94 -16.03
C LYS C 211 -2.79 -19.65 -17.52
N THR D 15 6.63 -28.28 9.08
CA THR D 15 5.41 -28.90 8.57
C THR D 15 4.16 -28.21 9.13
N ASN D 16 4.33 -27.53 10.25
CA ASN D 16 3.21 -26.84 10.89
C ASN D 16 2.80 -25.64 10.06
N LEU D 17 1.50 -25.51 9.81
CA LEU D 17 0.97 -24.34 9.10
C LEU D 17 0.94 -23.15 10.04
N CYS D 18 1.29 -21.98 9.50
CA CYS D 18 1.23 -20.77 10.30
C CYS D 18 -0.22 -20.41 10.58
N PRO D 19 -0.54 -19.96 11.80
CA PRO D 19 -1.95 -19.73 12.19
C PRO D 19 -2.46 -18.38 11.70
N PHE D 20 -2.48 -18.20 10.38
CA PHE D 20 -2.94 -16.93 9.81
C PHE D 20 -4.44 -16.74 10.01
N ASP D 21 -5.23 -17.80 9.86
CA ASP D 21 -6.67 -17.67 10.02
C ASP D 21 -7.04 -17.36 11.46
N GLU D 22 -6.24 -17.82 12.43
CA GLU D 22 -6.52 -17.48 13.83
C GLU D 22 -6.40 -15.98 14.07
N VAL D 23 -5.54 -15.31 13.33
CA VAL D 23 -5.39 -13.86 13.44
C VAL D 23 -6.41 -13.13 12.58
N PHE D 24 -6.53 -13.52 11.31
CA PHE D 24 -7.43 -12.82 10.40
C PHE D 24 -8.89 -13.08 10.75
N ASN D 25 -9.25 -14.34 10.98
CA ASN D 25 -10.64 -14.70 11.25
C ASN D 25 -11.00 -14.62 12.72
N ALA D 26 -10.23 -13.86 13.52
CA ALA D 26 -10.61 -13.61 14.89
C ALA D 26 -11.94 -12.86 14.92
N THR D 27 -12.87 -13.34 15.75
CA THR D 27 -14.21 -12.77 15.76
C THR D 27 -14.19 -11.31 16.21
N THR D 28 -13.38 -10.99 17.20
CA THR D 28 -13.29 -9.63 17.72
C THR D 28 -11.90 -9.08 17.48
N PHE D 29 -11.82 -7.90 16.88
CA PHE D 29 -10.57 -7.18 16.70
C PHE D 29 -10.43 -6.09 17.74
N ALA D 30 -9.20 -5.71 18.03
CA ALA D 30 -8.93 -4.72 19.06
C ALA D 30 -9.08 -3.31 18.49
N SER D 31 -9.28 -2.35 19.41
CA SER D 31 -9.27 -0.95 19.02
C SER D 31 -7.85 -0.53 18.65
N VAL D 32 -7.75 0.51 17.82
CA VAL D 32 -6.45 0.88 17.27
C VAL D 32 -5.49 1.35 18.36
N TYR D 33 -6.01 1.95 19.43
CA TYR D 33 -5.13 2.37 20.52
C TYR D 33 -4.69 1.19 21.38
N ALA D 34 -5.30 0.02 21.20
CA ALA D 34 -5.03 -1.16 22.00
C ALA D 34 -4.79 -2.37 21.09
N TRP D 35 -3.98 -2.17 20.06
CA TRP D 35 -3.80 -3.19 19.03
C TRP D 35 -3.17 -4.45 19.62
N ASN D 36 -3.55 -5.60 19.07
CA ASN D 36 -3.11 -6.89 19.56
C ASN D 36 -1.99 -7.43 18.68
N ARG D 37 -0.86 -7.76 19.32
CA ARG D 37 0.31 -8.27 18.62
C ARG D 37 0.49 -9.75 18.92
N LYS D 38 0.68 -10.55 17.88
CA LYS D 38 0.92 -11.98 18.00
C LYS D 38 2.16 -12.35 17.20
N ARG D 39 3.01 -13.19 17.79
CA ARG D 39 4.23 -13.63 17.14
C ARG D 39 3.98 -14.92 16.37
N ILE D 40 4.43 -14.96 15.12
CA ILE D 40 4.34 -16.14 14.28
C ILE D 40 5.74 -16.69 14.10
N SER D 41 5.95 -17.95 14.51
CA SER D 41 7.26 -18.57 14.42
C SER D 41 7.12 -20.07 14.30
N ASN D 42 8.18 -20.70 13.80
CA ASN D 42 8.29 -22.16 13.71
C ASN D 42 7.11 -22.77 12.94
N CYS D 43 6.78 -22.16 11.80
CA CYS D 43 5.72 -22.68 10.94
C CYS D 43 6.02 -22.29 9.50
N VAL D 44 5.48 -23.08 8.58
CA VAL D 44 5.55 -22.76 7.16
C VAL D 44 4.46 -21.74 6.84
N ALA D 45 4.82 -20.70 6.09
CA ALA D 45 3.94 -19.56 5.85
C ALA D 45 3.35 -19.65 4.46
N ASP D 46 2.12 -20.15 4.38
CA ASP D 46 1.35 -20.16 3.14
C ASP D 46 0.55 -18.86 3.12
N TYR D 47 0.99 -17.90 2.32
CA TYR D 47 0.26 -16.64 2.21
C TYR D 47 -0.84 -16.77 1.16
N SER D 48 -1.64 -17.83 1.25
CA SER D 48 -2.80 -18.00 0.39
C SER D 48 -3.97 -18.63 1.15
N VAL D 49 -3.83 -18.83 2.46
CA VAL D 49 -4.89 -19.41 3.26
C VAL D 49 -6.01 -18.40 3.45
N PHE D 57 -9.96 -4.38 -1.16
CA PHE D 57 -9.15 -4.48 0.03
C PHE D 57 -7.70 -4.09 -0.26
N ALA D 58 -7.08 -3.36 0.68
CA ALA D 58 -5.72 -2.88 0.49
C ALA D 58 -4.72 -3.93 0.96
N PHE D 59 -3.74 -4.23 0.11
CA PHE D 59 -2.67 -5.18 0.41
C PHE D 59 -1.35 -4.49 0.05
N LYS D 60 -0.82 -3.71 0.98
CA LYS D 60 0.41 -2.96 0.76
C LYS D 60 1.58 -3.66 1.44
N CYS D 61 2.64 -3.90 0.69
CA CYS D 61 3.87 -4.47 1.22
C CYS D 61 5.01 -3.48 1.03
N TYR D 62 5.98 -3.53 1.94
CA TYR D 62 7.11 -2.60 1.93
C TYR D 62 8.40 -3.36 2.11
N GLY D 63 9.40 -3.02 1.30
CA GLY D 63 10.70 -3.66 1.40
C GLY D 63 10.70 -5.13 1.08
N VAL D 64 9.66 -5.64 0.42
CA VAL D 64 9.56 -7.06 0.11
C VAL D 64 8.60 -7.21 -1.06
N SER D 65 8.87 -8.18 -1.93
CA SER D 65 8.01 -8.46 -3.06
C SER D 65 6.99 -9.52 -2.67
N PRO D 66 5.69 -9.21 -2.68
CA PRO D 66 4.70 -10.21 -2.26
C PRO D 66 4.53 -11.37 -3.23
N THR D 67 4.98 -11.23 -4.48
CA THR D 67 5.00 -12.38 -5.37
C THR D 67 6.10 -13.36 -5.02
N LYS D 68 6.98 -13.00 -4.09
CA LYS D 68 7.99 -13.91 -3.54
C LYS D 68 7.76 -14.19 -2.06
N LEU D 69 6.54 -13.98 -1.55
CA LEU D 69 6.32 -14.20 -0.12
C LEU D 69 6.36 -15.68 0.22
N ASN D 70 5.77 -16.52 -0.63
CA ASN D 70 6.04 -17.96 -0.54
C ASN D 70 7.50 -18.28 -0.86
N ASP D 71 8.28 -17.29 -1.29
CA ASP D 71 9.67 -17.48 -1.69
C ASP D 71 10.65 -16.80 -0.74
N LEU D 72 10.33 -16.75 0.55
CA LEU D 72 11.21 -16.08 1.50
C LEU D 72 11.16 -16.76 2.85
N CYS D 73 12.18 -16.48 3.66
CA CYS D 73 12.30 -17.00 5.01
C CYS D 73 12.62 -15.86 5.97
N PHE D 74 11.97 -15.86 7.13
CA PHE D 74 12.19 -14.87 8.16
C PHE D 74 12.34 -15.55 9.51
N THR D 75 13.07 -14.89 10.42
CA THR D 75 13.21 -15.43 11.77
C THR D 75 11.88 -15.42 12.51
N ASN D 76 11.19 -14.27 12.50
CA ASN D 76 9.89 -14.15 13.14
C ASN D 76 9.01 -13.23 12.30
N VAL D 77 7.70 -13.47 12.38
CA VAL D 77 6.70 -12.62 11.76
C VAL D 77 5.75 -12.15 12.84
N TYR D 78 5.61 -10.83 12.99
CA TYR D 78 4.72 -10.25 13.97
C TYR D 78 3.42 -9.83 13.30
N ALA D 79 2.30 -10.19 13.91
CA ALA D 79 0.97 -9.92 13.35
C ALA D 79 0.22 -9.00 14.31
N ASP D 80 0.09 -7.73 13.95
CA ASP D 80 -0.68 -6.77 14.72
C ASP D 80 -2.05 -6.58 14.09
N SER D 81 -3.07 -6.38 14.93
CA SER D 81 -4.44 -6.30 14.46
C SER D 81 -5.17 -5.17 15.17
N PHE D 82 -5.97 -4.42 14.42
CA PHE D 82 -6.77 -3.33 14.98
C PHE D 82 -7.89 -2.99 14.00
N VAL D 83 -8.63 -1.93 14.30
CA VAL D 83 -9.77 -1.49 13.49
C VAL D 83 -9.73 0.03 13.38
N ILE D 84 -9.89 0.54 12.16
CA ILE D 84 -9.95 1.98 11.87
C ILE D 84 -11.02 2.23 10.82
N ARG D 85 -11.17 3.50 10.46
CA ARG D 85 -12.04 3.86 9.34
C ARG D 85 -11.32 3.62 8.02
N GLY D 86 -12.08 3.72 6.93
CA GLY D 86 -11.50 3.55 5.61
C GLY D 86 -10.50 4.63 5.25
N ASN D 87 -10.77 5.86 5.70
CA ASN D 87 -9.89 6.98 5.37
C ASN D 87 -8.57 6.92 6.12
N GLU D 88 -8.50 6.18 7.22
CA GLU D 88 -7.29 6.09 8.03
C GLU D 88 -6.36 4.98 7.60
N VAL D 89 -6.74 4.17 6.60
CA VAL D 89 -5.93 3.01 6.22
C VAL D 89 -4.61 3.46 5.62
N SER D 90 -4.62 4.55 4.84
CA SER D 90 -3.37 5.06 4.27
C SER D 90 -2.38 5.50 5.34
N GLN D 91 -2.86 5.82 6.54
CA GLN D 91 -1.97 6.19 7.64
C GLN D 91 -1.16 5.00 8.14
N ILE D 92 -1.60 3.78 7.89
CA ILE D 92 -0.86 2.60 8.32
C ILE D 92 0.20 2.30 7.26
N ALA D 93 1.34 2.97 7.38
CA ALA D 93 2.41 2.92 6.39
C ALA D 93 3.61 3.66 6.96
N PRO D 94 4.82 3.34 6.49
CA PRO D 94 6.00 4.08 6.96
C PRO D 94 5.90 5.56 6.61
N GLY D 95 6.35 6.40 7.54
CA GLY D 95 6.45 7.84 7.29
C GLY D 95 5.14 8.58 7.26
N GLN D 96 4.04 7.98 7.70
CA GLN D 96 2.75 8.65 7.65
C GLN D 96 2.56 9.57 8.86
N THR D 97 1.56 10.44 8.77
CA THR D 97 1.25 11.39 9.82
C THR D 97 -0.27 11.49 9.97
N GLY D 98 -0.70 11.75 11.19
CA GLY D 98 -2.12 11.85 11.50
C GLY D 98 -2.37 11.35 12.91
N ASN D 99 -3.63 11.49 13.33
CA ASN D 99 -4.00 11.09 14.68
C ASN D 99 -3.80 9.60 14.89
N ILE D 100 -3.91 8.80 13.84
CA ILE D 100 -3.66 7.37 13.96
C ILE D 100 -2.17 7.08 13.91
N ALA D 101 -1.46 7.65 12.93
CA ALA D 101 -0.04 7.38 12.80
C ALA D 101 0.76 7.97 13.96
N ASP D 102 0.44 9.21 14.36
CA ASP D 102 1.22 9.85 15.40
C ASP D 102 0.88 9.34 16.79
N TYR D 103 -0.40 9.05 17.05
CA TYR D 103 -0.87 8.78 18.40
C TYR D 103 -1.37 7.36 18.64
N ASN D 104 -1.57 6.56 17.61
CA ASN D 104 -2.19 5.26 17.85
C ASN D 104 -1.38 4.09 17.33
N TYR D 105 -0.77 4.19 16.15
CA TYR D 105 -0.02 3.08 15.57
C TYR D 105 0.94 3.63 14.54
N LYS D 106 2.24 3.56 14.83
CA LYS D 106 3.27 4.08 13.94
C LYS D 106 4.21 2.94 13.54
N LEU D 107 4.50 2.85 12.25
CA LEU D 107 5.43 1.93 11.62
C LEU D 107 6.82 2.58 11.56
N PRO D 108 7.89 1.78 11.57
CA PRO D 108 9.22 2.36 11.37
C PRO D 108 9.45 2.76 9.92
N ASP D 109 10.33 3.74 9.73
CA ASP D 109 10.65 4.18 8.38
C ASP D 109 11.30 3.07 7.56
N ASP D 110 11.90 2.08 8.21
CA ASP D 110 12.49 0.93 7.53
C ASP D 110 11.64 -0.32 7.68
N PHE D 111 10.31 -0.15 7.70
CA PHE D 111 9.42 -1.28 7.92
C PHE D 111 9.50 -2.28 6.78
N THR D 112 9.63 -3.56 7.13
CA THR D 112 9.62 -4.66 6.16
C THR D 112 8.45 -5.57 6.51
N GLY D 113 7.50 -5.69 5.59
CA GLY D 113 6.32 -6.48 5.82
C GLY D 113 5.18 -6.00 4.94
N CYS D 114 3.98 -6.48 5.28
CA CYS D 114 2.79 -6.20 4.50
C CYS D 114 1.67 -5.71 5.42
N VAL D 115 0.83 -4.82 4.88
CA VAL D 115 -0.33 -4.28 5.58
C VAL D 115 -1.57 -4.67 4.80
N ILE D 116 -2.52 -5.32 5.48
CA ILE D 116 -3.74 -5.81 4.85
C ILE D 116 -4.95 -5.26 5.59
N ALA D 117 -5.88 -4.67 4.84
CA ALA D 117 -7.11 -4.13 5.40
C ALA D 117 -8.28 -4.51 4.50
N TRP D 118 -9.47 -4.56 5.10
CA TRP D 118 -10.67 -4.90 4.34
C TRP D 118 -11.88 -4.30 5.03
N ASN D 119 -12.98 -4.19 4.27
CA ASN D 119 -14.21 -3.61 4.80
C ASN D 119 -14.81 -4.50 5.88
N SER D 120 -15.30 -3.87 6.94
CA SER D 120 -15.87 -4.62 8.06
C SER D 120 -17.14 -3.97 8.60
N ASN D 121 -17.92 -3.32 7.73
CA ASN D 121 -19.17 -2.72 8.19
C ASN D 121 -20.18 -3.77 8.64
N LYS D 122 -20.13 -4.96 8.04
CA LYS D 122 -21.07 -6.01 8.43
C LYS D 122 -20.81 -6.50 9.85
N LEU D 123 -19.54 -6.57 10.25
CA LEU D 123 -19.18 -7.18 11.52
C LEU D 123 -19.09 -6.18 12.67
N ASP D 124 -18.60 -4.98 12.41
CA ASP D 124 -18.26 -4.04 13.47
C ASP D 124 -19.16 -2.80 13.49
N SER D 125 -20.30 -2.84 12.81
CA SER D 125 -21.24 -1.73 12.81
C SER D 125 -22.62 -2.23 13.24
N THR D 126 -23.06 -1.80 14.41
CA THR D 126 -24.43 -2.05 14.86
C THR D 126 -25.32 -0.86 14.47
N VAL D 127 -26.63 -1.11 14.47
CA VAL D 127 -27.57 -0.10 14.01
C VAL D 127 -27.50 1.15 14.89
N GLY D 128 -27.44 0.96 16.21
CA GLY D 128 -27.32 2.08 17.12
C GLY D 128 -25.92 2.67 17.19
N GLY D 129 -24.91 1.92 16.77
CA GLY D 129 -23.53 2.41 16.81
C GLY D 129 -22.68 1.54 17.71
N ASN D 130 -21.51 1.16 17.21
CA ASN D 130 -20.54 0.35 17.95
C ASN D 130 -19.54 1.31 18.58
N TYR D 131 -19.76 1.64 19.85
CA TYR D 131 -18.91 2.56 20.59
C TYR D 131 -17.79 1.85 21.34
N ASN D 132 -17.67 0.52 21.19
CA ASN D 132 -16.60 -0.21 21.85
C ASN D 132 -15.25 0.02 21.20
N TYR D 133 -15.23 0.55 19.98
CA TYR D 133 -13.98 0.85 19.27
C TYR D 133 -13.61 2.31 19.51
N ARG D 134 -12.35 2.55 19.85
CA ARG D 134 -11.90 3.88 20.21
C ARG D 134 -10.55 4.16 19.55
N TYR D 135 -10.23 5.45 19.46
CA TYR D 135 -8.93 5.89 18.98
C TYR D 135 -8.43 7.03 19.84
N ARG D 136 -7.12 7.20 19.88
CA ARG D 136 -6.49 8.25 20.69
C ARG D 136 -6.45 9.55 19.89
N LEU D 137 -7.06 10.60 20.45
CA LEU D 137 -7.06 11.92 19.84
C LEU D 137 -5.96 12.81 20.39
N PHE D 138 -5.66 12.74 21.68
CA PHE D 138 -4.71 13.61 22.34
C PHE D 138 -3.54 12.81 22.89
N ARG D 139 -2.34 13.37 22.77
CA ARG D 139 -1.16 12.83 23.42
C ARG D 139 -0.08 13.91 23.46
N LYS D 140 0.78 13.83 24.48
CA LYS D 140 1.84 14.81 24.65
C LYS D 140 3.06 14.52 23.80
N SER D 141 3.15 13.33 23.21
CA SER D 141 4.26 13.00 22.33
C SER D 141 3.76 12.01 21.27
N ASN D 142 4.44 12.02 20.12
CA ASN D 142 4.11 11.07 19.07
C ASN D 142 4.53 9.66 19.48
N LEU D 143 3.90 8.68 18.84
CA LEU D 143 4.20 7.28 19.15
C LEU D 143 5.48 6.86 18.44
N LYS D 144 6.43 6.39 19.24
CA LYS D 144 7.71 5.88 18.69
C LYS D 144 7.37 4.58 17.96
N PRO D 145 8.16 4.15 16.95
CA PRO D 145 7.80 2.97 16.20
C PRO D 145 7.33 1.75 17.01
N PHE D 146 6.15 1.20 16.66
CA PHE D 146 5.56 0.02 17.29
C PHE D 146 5.16 0.23 18.73
N GLU D 147 5.10 1.47 19.23
CA GLU D 147 4.70 1.65 20.61
C GLU D 147 3.20 1.50 20.75
N ARG D 148 2.77 1.26 22.00
CA ARG D 148 1.37 1.10 22.34
C ARG D 148 1.07 1.90 23.60
N ASP D 149 -0.15 2.42 23.69
CA ASP D 149 -0.56 3.26 24.81
C ASP D 149 -2.04 3.04 25.07
N ILE D 150 -2.36 2.51 26.25
CA ILE D 150 -3.74 2.23 26.63
C ILE D 150 -4.15 3.04 27.87
N SER D 151 -3.37 4.05 28.22
CA SER D 151 -3.64 4.83 29.42
C SER D 151 -4.88 5.71 29.24
N THR D 152 -5.46 6.09 30.38
CA THR D 152 -6.68 6.88 30.44
C THR D 152 -6.41 8.25 31.05
N GLU D 153 -5.14 8.59 31.27
CA GLU D 153 -4.79 9.87 31.88
C GLU D 153 -5.41 11.03 31.13
N ILE D 154 -6.04 11.94 31.88
CA ILE D 154 -6.74 13.06 31.26
C ILE D 154 -5.73 14.02 30.65
N TYR D 155 -5.90 14.32 29.37
CA TYR D 155 -4.98 15.22 28.68
C TYR D 155 -5.19 16.64 29.16
N GLN D 156 -4.09 17.32 29.49
CA GLN D 156 -4.12 18.72 29.90
C GLN D 156 -3.81 19.58 28.68
N ALA D 157 -4.81 20.31 28.21
CA ALA D 157 -4.64 21.19 27.06
C ALA D 157 -4.34 22.64 27.46
N GLY D 158 -4.72 23.04 28.67
CA GLY D 158 -4.45 24.37 29.15
C GLY D 158 -3.23 24.42 30.06
N ASN D 159 -3.05 25.58 30.69
CA ASN D 159 -1.94 25.77 31.60
C ASN D 159 -2.20 25.24 33.01
N LYS D 160 -3.44 24.88 33.32
CA LYS D 160 -3.79 24.46 34.66
C LYS D 160 -3.87 22.95 34.76
N PRO D 161 -3.23 22.32 35.75
CA PRO D 161 -3.32 20.87 35.89
C PRO D 161 -4.75 20.43 36.13
N CYS D 162 -5.12 19.30 35.53
CA CYS D 162 -6.49 18.82 35.58
C CYS D 162 -6.84 18.17 36.90
N ASN D 163 -5.85 17.73 37.67
CA ASN D 163 -6.06 17.04 38.94
C ASN D 163 -6.92 15.79 38.77
N GLY D 164 -6.78 15.12 37.62
CA GLY D 164 -7.46 13.87 37.38
C GLY D 164 -8.92 13.96 37.01
N VAL D 165 -9.46 15.17 36.83
CA VAL D 165 -10.87 15.36 36.51
C VAL D 165 -10.97 16.08 35.17
N ALA D 166 -11.75 15.50 34.26
CA ALA D 166 -11.99 16.14 32.96
C ALA D 166 -12.86 17.37 33.12
N CYS D 170 -9.41 19.97 29.59
CA CYS D 170 -9.09 18.67 30.19
C CYS D 170 -9.97 17.63 29.50
N TYR D 171 -9.41 16.96 28.50
CA TYR D 171 -10.17 16.12 27.59
C TYR D 171 -9.79 14.64 27.77
N PHE D 172 -10.79 13.79 27.61
CA PHE D 172 -10.54 12.35 27.57
C PHE D 172 -9.72 12.01 26.33
N PRO D 173 -8.59 11.29 26.48
CA PRO D 173 -7.71 11.06 25.33
C PRO D 173 -8.28 10.14 24.27
N LEU D 174 -9.37 9.42 24.55
CA LEU D 174 -9.95 8.49 23.60
C LEU D 174 -11.33 8.97 23.14
N GLN D 175 -11.64 8.69 21.88
CA GLN D 175 -12.93 9.00 21.29
C GLN D 175 -13.48 7.77 20.59
N SER D 176 -14.76 7.48 20.81
CA SER D 176 -15.39 6.32 20.20
C SER D 176 -15.71 6.60 18.74
N TYR D 177 -15.47 5.59 17.89
CA TYR D 177 -15.80 5.73 16.47
C TYR D 177 -17.29 5.84 16.24
N GLY D 178 -18.07 4.98 16.92
CA GLY D 178 -19.50 4.94 16.71
C GLY D 178 -19.90 4.42 15.35
N PHE D 179 -19.51 3.18 15.05
CA PHE D 179 -19.71 2.60 13.73
C PHE D 179 -21.16 2.19 13.55
N ARG D 180 -21.87 2.87 12.64
CA ARG D 180 -23.19 2.47 12.20
C ARG D 180 -23.12 2.01 10.75
N PRO D 181 -24.01 1.11 10.31
CA PRO D 181 -23.97 0.65 8.91
C PRO D 181 -24.33 1.74 7.90
N THR D 182 -24.88 2.86 8.35
CA THR D 182 -25.32 3.93 7.46
C THR D 182 -24.20 4.91 7.10
N TYR D 183 -23.02 4.76 7.69
CA TYR D 183 -21.92 5.66 7.39
C TYR D 183 -21.39 5.43 5.98
N GLY D 184 -20.61 6.40 5.50
CA GLY D 184 -19.96 6.26 4.21
C GLY D 184 -18.77 5.33 4.27
N VAL D 185 -18.21 5.05 3.09
CA VAL D 185 -17.08 4.13 3.00
C VAL D 185 -15.86 4.71 3.70
N GLY D 186 -15.74 6.04 3.73
CA GLY D 186 -14.63 6.67 4.43
C GLY D 186 -14.74 6.69 5.94
N HIS D 187 -15.89 6.26 6.48
CA HIS D 187 -16.08 6.16 7.92
C HIS D 187 -16.48 4.77 8.38
N GLN D 188 -16.63 3.82 7.46
CA GLN D 188 -16.96 2.46 7.84
C GLN D 188 -15.75 1.78 8.48
N PRO D 189 -15.97 0.81 9.37
CA PRO D 189 -14.85 0.15 10.04
C PRO D 189 -14.07 -0.74 9.08
N TYR D 190 -12.76 -0.75 9.24
CA TYR D 190 -11.86 -1.60 8.48
C TYR D 190 -10.97 -2.38 9.43
N ARG D 191 -10.82 -3.68 9.18
CA ARG D 191 -9.97 -4.54 9.99
C ARG D 191 -8.60 -4.64 9.31
N VAL D 192 -7.56 -4.27 10.05
CA VAL D 192 -6.21 -4.18 9.53
C VAL D 192 -5.33 -5.19 10.22
N VAL D 193 -4.55 -5.94 9.44
CA VAL D 193 -3.55 -6.86 9.95
C VAL D 193 -2.20 -6.44 9.38
N VAL D 194 -1.24 -6.16 10.26
CA VAL D 194 0.07 -5.68 9.87
C VAL D 194 1.07 -6.81 10.13
N LEU D 195 1.54 -7.44 9.06
CA LEU D 195 2.56 -8.48 9.15
C LEU D 195 3.94 -7.82 9.09
N SER D 196 4.75 -8.04 10.13
CA SER D 196 6.10 -7.51 10.20
C SER D 196 7.08 -8.65 9.97
N PHE D 197 7.91 -8.52 8.95
CA PHE D 197 8.93 -9.51 8.63
C PHE D 197 10.26 -9.07 9.23
N GLU D 198 10.88 -9.96 10.00
CA GLU D 198 12.03 -9.61 10.80
C GLU D 198 13.15 -10.62 10.59
N LEU D 199 14.37 -10.14 10.43
CA LEU D 199 15.55 -10.99 10.35
C LEU D 199 16.53 -10.61 11.46
N LEU D 200 17.16 -11.63 12.03
CA LEU D 200 18.24 -11.46 12.99
C LEU D 200 19.29 -12.53 12.74
N HIS D 201 20.40 -12.45 13.47
CA HIS D 201 21.44 -13.46 13.36
C HIS D 201 21.00 -14.72 14.11
N ALA D 202 20.00 -15.38 13.54
CA ALA D 202 19.36 -16.54 14.14
C ALA D 202 18.77 -17.40 13.03
N PRO D 203 18.55 -18.68 13.28
CA PRO D 203 17.91 -19.53 12.25
C PRO D 203 16.52 -19.02 11.90
N ALA D 204 16.17 -19.13 10.63
CA ALA D 204 14.86 -18.71 10.16
C ALA D 204 13.83 -19.78 10.49
N THR D 205 12.72 -19.36 11.10
CA THR D 205 11.68 -20.30 11.53
C THR D 205 10.39 -20.17 10.74
N VAL D 206 10.21 -19.10 9.97
CA VAL D 206 9.02 -18.90 9.14
C VAL D 206 9.46 -18.88 7.70
N CYS D 207 8.98 -19.84 6.91
CA CYS D 207 9.33 -19.94 5.50
C CYS D 207 8.09 -20.25 4.68
N GLY D 208 8.12 -19.85 3.42
CA GLY D 208 7.09 -20.22 2.49
C GLY D 208 7.13 -21.71 2.21
N PRO D 209 6.05 -22.26 1.66
CA PRO D 209 6.02 -23.71 1.41
C PRO D 209 7.05 -24.17 0.39
N LYS D 210 7.60 -23.26 -0.40
CA LYS D 210 8.57 -23.61 -1.42
C LYS D 210 10.00 -23.72 -0.89
N LYS D 211 10.24 -23.34 0.37
CA LYS D 211 11.52 -23.56 1.03
C LYS D 211 11.33 -24.23 2.39
N SER D 212 10.37 -25.13 2.48
CA SER D 212 10.15 -25.89 3.70
C SER D 212 11.05 -27.12 3.77
N GLU E 2 -22.25 6.43 -37.98
CA GLU E 2 -20.88 6.62 -38.41
C GLU E 2 -20.40 8.05 -38.13
N VAL E 3 -19.16 8.17 -37.70
CA VAL E 3 -18.61 9.46 -37.28
C VAL E 3 -18.19 10.25 -38.51
N GLN E 4 -18.63 11.50 -38.60
CA GLN E 4 -18.24 12.42 -39.66
C GLN E 4 -17.64 13.66 -39.04
N LEU E 5 -16.49 14.08 -39.56
CA LEU E 5 -15.82 15.31 -39.14
C LEU E 5 -15.56 16.14 -40.39
N VAL E 6 -16.28 17.25 -40.53
CA VAL E 6 -16.22 18.10 -41.72
C VAL E 6 -15.58 19.42 -41.32
N GLU E 7 -14.43 19.72 -41.92
CA GLU E 7 -13.68 20.94 -41.64
C GLU E 7 -14.04 22.03 -42.64
N SER E 8 -13.79 23.27 -42.23
CA SER E 8 -14.05 24.44 -43.07
C SER E 8 -13.26 25.61 -42.52
N GLY E 9 -13.30 26.72 -43.26
CA GLY E 9 -12.67 27.95 -42.83
C GLY E 9 -11.24 28.14 -43.29
N GLY E 10 -10.66 27.17 -43.98
CA GLY E 10 -9.31 27.30 -44.49
C GLY E 10 -9.26 28.14 -45.76
N GLY E 11 -8.07 28.25 -46.30
CA GLY E 11 -7.86 28.98 -47.53
C GLY E 11 -6.50 29.65 -47.55
N LEU E 12 -6.40 30.67 -48.39
CA LEU E 12 -5.17 31.43 -48.57
C LEU E 12 -5.19 32.67 -47.69
N VAL E 13 -4.07 32.92 -47.00
CA VAL E 13 -3.95 34.06 -46.10
C VAL E 13 -2.54 34.63 -46.21
N GLN E 14 -2.43 35.93 -45.96
CA GLN E 14 -1.13 36.60 -45.93
C GLN E 14 -0.40 36.29 -44.63
N PRO E 15 0.93 36.41 -44.62
CA PRO E 15 1.68 36.27 -43.36
C PRO E 15 1.22 37.30 -42.35
N ARG E 16 1.28 36.91 -41.07
CA ARG E 16 0.81 37.73 -39.96
C ARG E 16 -0.69 37.99 -40.02
N GLY E 17 -1.41 37.21 -40.81
CA GLY E 17 -2.85 37.34 -40.93
C GLY E 17 -3.60 36.56 -39.87
N SER E 18 -4.89 36.35 -40.11
CA SER E 18 -5.74 35.64 -39.16
C SER E 18 -6.64 34.68 -39.92
N LEU E 19 -7.06 33.63 -39.22
CA LEU E 19 -7.96 32.62 -39.78
C LEU E 19 -8.63 31.88 -38.63
N ARG E 20 -9.77 31.27 -38.94
CA ARG E 20 -10.51 30.48 -37.96
C ARG E 20 -11.11 29.26 -38.66
N LEU E 21 -10.73 28.07 -38.21
CA LEU E 21 -11.30 26.84 -38.72
C LEU E 21 -12.50 26.42 -37.89
N SER E 22 -13.33 25.56 -38.49
CA SER E 22 -14.47 24.96 -37.81
C SER E 22 -14.61 23.53 -38.27
N CYS E 23 -14.80 22.62 -37.31
CA CYS E 23 -15.04 21.21 -37.59
C CYS E 23 -16.44 20.85 -37.12
N SER E 24 -17.25 20.33 -38.02
CA SER E 24 -18.61 19.92 -37.70
C SER E 24 -18.62 18.41 -37.47
N ALA E 25 -19.01 18.01 -36.26
CA ALA E 25 -18.98 16.61 -35.86
C ALA E 25 -20.38 16.03 -35.86
N SER E 26 -20.49 14.78 -36.31
CA SER E 26 -21.77 14.07 -36.30
C SER E 26 -21.50 12.58 -36.20
N GLY E 27 -22.52 11.84 -35.79
CA GLY E 27 -22.41 10.41 -35.62
C GLY E 27 -21.91 9.95 -34.27
N PHE E 28 -21.72 10.87 -33.33
CA PHE E 28 -21.29 10.50 -31.98
C PHE E 28 -21.67 11.64 -31.05
N THR E 29 -21.69 11.33 -29.75
CA THR E 29 -22.00 12.33 -28.73
C THR E 29 -20.78 13.23 -28.56
N PHE E 30 -20.82 14.38 -29.22
CA PHE E 30 -19.66 15.27 -29.25
C PHE E 30 -19.29 15.79 -27.87
N SER E 31 -20.26 15.89 -26.96
CA SER E 31 -20.01 16.46 -25.64
C SER E 31 -19.22 15.52 -24.73
N THR E 32 -19.02 14.25 -25.12
CA THR E 32 -18.35 13.27 -24.28
C THR E 32 -17.00 12.84 -24.85
N TYR E 33 -16.43 13.61 -25.77
CA TYR E 33 -15.17 13.25 -26.40
C TYR E 33 -14.24 14.46 -26.45
N ALA E 34 -12.95 14.21 -26.21
CA ALA E 34 -11.94 15.22 -26.44
C ALA E 34 -11.59 15.28 -27.93
N MET E 35 -11.23 16.47 -28.40
CA MET E 35 -10.95 16.70 -29.82
C MET E 35 -9.61 17.40 -29.98
N HIS E 36 -8.98 17.18 -31.14
CA HIS E 36 -7.66 17.70 -31.41
C HIS E 36 -7.59 18.25 -32.83
N TRP E 37 -6.45 18.85 -33.16
CA TRP E 37 -6.12 19.28 -34.51
C TRP E 37 -4.74 18.73 -34.86
N VAL E 38 -4.63 18.11 -36.02
CA VAL E 38 -3.36 17.63 -36.56
C VAL E 38 -3.20 18.17 -37.97
N ARG E 39 -2.06 18.79 -38.25
CA ARG E 39 -1.80 19.41 -39.54
C ARG E 39 -0.72 18.64 -40.29
N GLN E 40 -0.65 18.88 -41.60
CA GLN E 40 0.33 18.20 -42.44
C GLN E 40 0.80 19.17 -43.52
N ALA E 41 2.05 19.61 -43.42
CA ALA E 41 2.61 20.49 -44.43
C ALA E 41 2.71 19.75 -45.76
N PRO E 42 2.59 20.46 -46.88
CA PRO E 42 2.64 19.79 -48.19
C PRO E 42 3.94 19.03 -48.39
N GLY E 43 3.81 17.72 -48.61
CA GLY E 43 4.95 16.86 -48.82
C GLY E 43 5.70 16.44 -47.57
N LYS E 44 5.21 16.82 -46.38
CA LYS E 44 5.84 16.47 -45.13
C LYS E 44 4.94 15.53 -44.33
N GLY E 45 5.37 15.21 -43.11
CA GLY E 45 4.67 14.28 -42.26
C GLY E 45 3.64 14.94 -41.37
N LEU E 46 3.08 14.15 -40.47
CA LEU E 46 2.07 14.63 -39.54
C LEU E 46 2.72 15.36 -38.37
N GLU E 47 1.98 16.31 -37.80
CA GLU E 47 2.45 17.06 -36.64
C GLU E 47 1.25 17.46 -35.80
N TYR E 48 1.29 17.09 -34.51
CA TYR E 48 0.23 17.48 -33.59
C TYR E 48 0.22 18.98 -33.39
N VAL E 49 -0.98 19.55 -33.29
CA VAL E 49 -1.16 21.00 -33.15
C VAL E 49 -1.72 21.35 -31.78
N SER E 50 -2.93 20.90 -31.46
CA SER E 50 -3.58 21.30 -30.22
C SER E 50 -4.70 20.31 -29.91
N GLY E 51 -5.17 20.37 -28.67
CA GLY E 51 -6.27 19.53 -28.23
C GLY E 51 -7.05 20.20 -27.12
N ILE E 52 -8.29 19.75 -26.95
CA ILE E 52 -9.22 20.36 -25.99
C ILE E 52 -9.96 19.25 -25.24
N SER E 53 -10.24 19.51 -23.97
CA SER E 53 -10.96 18.54 -23.14
C SER E 53 -12.43 18.48 -23.53
N VAL E 54 -13.20 17.65 -22.82
CA VAL E 54 -14.57 17.37 -23.23
C VAL E 54 -15.45 18.60 -23.10
N ASN E 55 -15.20 19.47 -22.10
CA ASN E 55 -15.98 20.68 -21.94
C ASN E 55 -15.12 21.95 -21.95
N GLY E 56 -13.87 21.84 -22.38
CA GLY E 56 -13.06 23.00 -22.71
C GLY E 56 -12.32 23.66 -21.56
N ASP E 57 -12.22 23.02 -20.39
CA ASP E 57 -11.44 23.61 -19.31
C ASP E 57 -9.95 23.29 -19.43
N SER E 58 -9.55 22.44 -20.36
CA SER E 58 -8.15 22.11 -20.59
C SER E 58 -7.86 22.23 -22.08
N THR E 59 -6.82 23.00 -22.42
CA THR E 59 -6.36 23.12 -23.80
C THR E 59 -4.86 22.93 -23.84
N ASN E 60 -4.39 22.04 -24.71
CA ASN E 60 -2.97 21.79 -24.90
C ASN E 60 -2.56 22.29 -26.28
N TYR E 61 -1.32 22.79 -26.37
CA TYR E 61 -0.82 23.37 -27.61
C TYR E 61 0.61 22.88 -27.85
N ALA E 62 0.95 22.72 -29.12
CA ALA E 62 2.34 22.53 -29.49
C ALA E 62 3.11 23.84 -29.31
N GLU E 63 4.43 23.71 -29.13
CA GLU E 63 5.25 24.89 -28.84
C GLU E 63 5.24 25.88 -30.00
N SER E 64 5.24 25.38 -31.23
CA SER E 64 5.23 26.27 -32.39
C SER E 64 3.99 27.14 -32.43
N VAL E 65 2.82 26.56 -32.15
CA VAL E 65 1.57 27.30 -32.23
C VAL E 65 1.15 27.92 -30.91
N LYS E 66 1.85 27.65 -29.82
CA LYS E 66 1.50 28.21 -28.53
C LYS E 66 1.60 29.73 -28.56
N GLY E 67 0.57 30.40 -28.03
CA GLY E 67 0.52 31.85 -28.03
C GLY E 67 -0.10 32.45 -29.29
N ARG E 68 -0.28 31.67 -30.35
CA ARG E 68 -0.85 32.15 -31.60
C ARG E 68 -2.14 31.44 -31.98
N PHE E 69 -2.35 30.21 -31.56
CA PHE E 69 -3.53 29.43 -31.88
C PHE E 69 -4.39 29.24 -30.63
N THR E 70 -5.70 29.22 -30.81
CA THR E 70 -6.64 29.04 -29.71
C THR E 70 -7.69 28.00 -30.12
N ILE E 71 -7.61 26.82 -29.52
CA ILE E 71 -8.60 25.78 -29.76
C ILE E 71 -9.78 26.00 -28.84
N SER E 72 -10.99 25.87 -29.40
CA SER E 72 -12.22 26.05 -28.63
C SER E 72 -13.30 25.16 -29.24
N ARG E 73 -14.36 24.95 -28.46
CA ARG E 73 -15.45 24.10 -28.91
C ARG E 73 -16.77 24.64 -28.40
N ASP E 74 -17.84 24.23 -29.07
CA ASP E 74 -19.22 24.57 -28.69
C ASP E 74 -20.01 23.26 -28.67
N ASN E 75 -20.26 22.73 -27.48
CA ASN E 75 -20.97 21.46 -27.36
C ASN E 75 -22.45 21.59 -27.71
N SER E 76 -22.99 22.81 -27.74
CA SER E 76 -24.37 23.01 -28.14
C SER E 76 -24.55 23.10 -29.65
N LYS E 77 -23.45 23.11 -30.41
CA LYS E 77 -23.51 23.09 -31.87
C LYS E 77 -22.68 21.97 -32.48
N ASN E 78 -22.02 21.15 -31.67
CA ASN E 78 -21.14 20.07 -32.15
C ASN E 78 -20.07 20.60 -33.10
N THR E 79 -19.45 21.71 -32.73
CA THR E 79 -18.43 22.36 -33.55
C THR E 79 -17.12 22.48 -32.78
N LEU E 80 -16.01 22.22 -33.47
CA LEU E 80 -14.67 22.42 -32.95
C LEU E 80 -14.02 23.57 -33.70
N PHE E 81 -13.42 24.51 -32.97
CA PHE E 81 -12.86 25.71 -33.54
C PHE E 81 -11.36 25.77 -33.33
N LEU E 82 -10.66 26.40 -34.27
CA LEU E 82 -9.23 26.67 -34.15
C LEU E 82 -8.99 28.08 -34.68
N GLU E 83 -8.76 29.02 -33.77
CA GLU E 83 -8.51 30.41 -34.13
C GLU E 83 -7.01 30.60 -34.34
N MET E 84 -6.63 31.07 -35.52
CA MET E 84 -5.23 31.26 -35.89
C MET E 84 -4.95 32.75 -36.03
N ARG E 85 -3.95 33.24 -35.31
CA ARG E 85 -3.50 34.62 -35.40
C ARG E 85 -1.99 34.65 -35.60
N SER E 86 -1.52 35.71 -36.25
CA SER E 86 -0.10 35.88 -36.54
C SER E 86 0.46 34.67 -37.29
N LEU E 87 -0.23 34.29 -38.35
CA LEU E 87 0.19 33.12 -39.13
C LEU E 87 1.53 33.36 -39.80
N LYS E 88 2.32 32.30 -39.90
CA LYS E 88 3.63 32.33 -40.53
C LYS E 88 3.62 31.41 -41.74
N VAL E 89 4.64 31.55 -42.59
CA VAL E 89 4.76 30.71 -43.77
C VAL E 89 4.90 29.25 -43.38
N GLU E 90 5.41 28.97 -42.18
CA GLU E 90 5.54 27.59 -41.71
C GLU E 90 4.21 26.99 -41.30
N ASP E 91 3.13 27.76 -41.27
CA ASP E 91 1.84 27.28 -40.84
C ASP E 91 1.00 26.68 -41.97
N THR E 92 1.45 26.79 -43.23
CA THR E 92 0.66 26.23 -44.33
C THR E 92 0.65 24.72 -44.24
N ALA E 93 -0.55 24.13 -44.26
CA ALA E 93 -0.72 22.69 -44.10
C ALA E 93 -2.18 22.36 -44.35
N VAL E 94 -2.46 21.05 -44.40
CA VAL E 94 -3.81 20.54 -44.37
C VAL E 94 -4.13 20.20 -42.91
N TYR E 95 -5.11 20.88 -42.35
CA TYR E 95 -5.45 20.72 -40.93
C TYR E 95 -6.62 19.76 -40.79
N TYR E 96 -6.37 18.63 -40.14
CA TYR E 96 -7.42 17.65 -39.86
C TYR E 96 -7.93 17.86 -38.44
N CYS E 97 -9.25 17.87 -38.30
CA CYS E 97 -9.89 17.80 -36.99
C CYS E 97 -10.09 16.33 -36.64
N VAL E 98 -9.57 15.91 -35.49
CA VAL E 98 -9.54 14.50 -35.14
C VAL E 98 -10.26 14.29 -33.81
N LYS E 99 -10.79 13.08 -33.64
CA LYS E 99 -11.58 12.71 -32.48
C LYS E 99 -10.81 11.70 -31.64
N ASP E 100 -10.77 11.93 -30.32
CA ASP E 100 -10.07 11.05 -29.40
C ASP E 100 -10.92 9.82 -29.09
N LYS E 101 -10.31 8.88 -28.37
CA LYS E 101 -11.03 7.71 -27.90
C LYS E 101 -11.85 8.05 -26.66
N MET E 102 -12.77 7.16 -26.30
CA MET E 102 -13.56 7.36 -25.10
C MET E 102 -12.72 7.09 -23.86
N GLY E 103 -12.78 8.01 -22.90
CA GLY E 103 -12.12 7.81 -21.63
C GLY E 103 -10.85 8.62 -21.52
N TYR E 104 -10.10 8.30 -20.46
CA TYR E 104 -8.88 8.99 -20.10
C TYR E 104 -7.74 7.98 -19.95
N PRO E 105 -6.48 8.40 -20.16
CA PRO E 105 -6.01 9.75 -20.52
C PRO E 105 -6.29 10.10 -21.98
N THR E 106 -6.37 11.39 -22.29
CA THR E 106 -6.61 11.86 -23.65
C THR E 106 -5.29 12.15 -24.33
N GLY E 107 -5.10 11.61 -25.53
CA GLY E 107 -3.90 11.87 -26.30
C GLY E 107 -3.11 10.64 -26.67
N GLU E 108 -3.65 9.46 -26.38
CA GLU E 108 -2.94 8.22 -26.67
C GLU E 108 -2.92 7.92 -28.15
N TYR E 109 -4.10 7.76 -28.76
CA TYR E 109 -4.21 7.52 -30.19
C TYR E 109 -5.46 8.21 -30.70
N PHE E 110 -5.56 8.34 -32.03
CA PHE E 110 -6.62 9.10 -32.68
C PHE E 110 -7.37 8.22 -33.67
N PRO E 111 -8.52 7.66 -33.29
CA PRO E 111 -9.20 6.68 -34.15
C PRO E 111 -9.91 7.29 -35.36
N HIS E 112 -10.35 8.55 -35.28
CA HIS E 112 -11.17 9.15 -36.32
C HIS E 112 -10.61 10.50 -36.73
N TRP E 113 -10.47 10.70 -38.04
CA TRP E 113 -9.95 11.95 -38.59
C TRP E 113 -10.89 12.47 -39.67
N GLY E 114 -11.02 13.79 -39.75
CA GLY E 114 -11.72 14.40 -40.85
C GLY E 114 -10.83 14.52 -42.09
N GLN E 115 -11.47 14.80 -43.23
CA GLN E 115 -10.73 14.92 -44.48
C GLN E 115 -9.76 16.10 -44.46
N GLY E 116 -10.02 17.11 -43.65
CA GLY E 116 -9.10 18.22 -43.49
C GLY E 116 -9.40 19.39 -44.41
N THR E 117 -8.94 20.56 -43.99
CA THR E 117 -9.01 21.77 -44.80
C THR E 117 -7.61 22.31 -45.02
N LEU E 118 -7.41 22.89 -46.20
CA LEU E 118 -6.09 23.37 -46.61
C LEU E 118 -5.95 24.85 -46.29
N VAL E 119 -4.85 25.20 -45.61
CA VAL E 119 -4.53 26.57 -45.25
C VAL E 119 -3.18 26.90 -45.85
N THR E 120 -3.11 28.00 -46.60
CA THR E 120 -1.87 28.44 -47.23
C THR E 120 -1.54 29.85 -46.78
N VAL E 121 -0.31 30.04 -46.29
CA VAL E 121 0.20 31.34 -45.89
C VAL E 121 1.28 31.73 -46.89
N SER E 122 1.03 32.79 -47.65
CA SER E 122 1.96 33.23 -48.68
C SER E 122 1.88 34.74 -48.83
N SER E 123 3.03 35.38 -48.96
CA SER E 123 3.09 36.81 -49.19
C SER E 123 2.81 37.17 -50.65
N ALA E 124 2.75 36.19 -51.53
CA ALA E 124 2.55 36.45 -52.95
C ALA E 124 1.18 37.04 -53.21
N SER E 125 1.11 37.99 -54.13
CA SER E 125 -0.13 38.62 -54.54
C SER E 125 -0.63 37.99 -55.84
N THR E 126 -1.87 38.30 -56.19
CA THR E 126 -2.46 37.77 -57.41
C THR E 126 -1.75 38.34 -58.63
N LYS E 127 -1.45 37.47 -59.60
CA LYS E 127 -0.76 37.88 -60.81
C LYS E 127 -1.22 37.00 -61.96
N GLY E 128 -1.50 37.63 -63.10
CA GLY E 128 -1.90 36.91 -64.30
C GLY E 128 -0.71 36.28 -65.00
N PRO E 129 -0.92 35.10 -65.56
CA PRO E 129 0.19 34.40 -66.22
C PRO E 129 0.60 35.04 -67.53
N SER E 130 1.85 34.80 -67.91
CA SER E 130 2.36 35.15 -69.23
C SER E 130 2.40 33.88 -70.07
N VAL E 131 1.70 33.87 -71.19
CA VAL E 131 1.50 32.69 -72.00
C VAL E 131 2.39 32.76 -73.23
N PHE E 132 3.18 31.72 -73.45
CA PHE E 132 4.09 31.64 -74.59
C PHE E 132 3.94 30.28 -75.26
N PRO E 133 4.12 30.21 -76.57
CA PRO E 133 3.95 28.93 -77.26
C PRO E 133 5.17 28.04 -77.17
N LEU E 134 4.91 26.74 -77.15
CA LEU E 134 5.96 25.72 -77.20
C LEU E 134 5.90 25.09 -78.60
N ALA E 135 6.85 25.47 -79.45
CA ALA E 135 6.87 24.97 -80.82
C ALA E 135 7.07 23.46 -80.83
N PRO E 136 6.51 22.76 -81.83
CA PRO E 136 6.59 21.30 -81.85
C PRO E 136 8.03 20.82 -81.80
N SER E 137 8.25 19.73 -81.06
CA SER E 137 9.58 19.16 -80.89
C SER E 137 9.56 17.64 -81.09
N THR E 145 4.56 11.40 -85.09
CA THR E 145 3.80 12.35 -84.27
C THR E 145 4.71 13.42 -83.70
N ALA E 146 4.11 14.52 -83.21
CA ALA E 146 4.86 15.63 -82.66
C ALA E 146 4.38 15.97 -81.26
N ALA E 147 4.87 17.09 -80.71
CA ALA E 147 4.49 17.50 -79.36
C ALA E 147 4.62 19.01 -79.27
N LEU E 148 3.48 19.71 -79.19
CA LEU E 148 3.45 21.16 -79.08
C LEU E 148 2.50 21.55 -77.95
N GLY E 149 2.65 22.78 -77.47
CA GLY E 149 1.79 23.25 -76.41
C GLY E 149 2.06 24.70 -76.04
N CYS E 150 1.56 25.09 -74.88
CA CYS E 150 1.69 26.44 -74.36
C CYS E 150 2.35 26.40 -72.98
N LEU E 151 3.05 27.47 -72.65
CA LEU E 151 3.72 27.61 -71.35
C LEU E 151 3.00 28.69 -70.54
N VAL E 152 2.51 28.30 -69.37
CA VAL E 152 1.82 29.22 -68.45
C VAL E 152 2.84 29.63 -67.40
N LYS E 153 3.26 30.89 -67.43
CA LYS E 153 4.42 31.35 -66.69
C LYS E 153 4.04 32.39 -65.64
N ASP E 154 4.48 32.15 -64.40
CA ASP E 154 4.48 33.16 -63.33
C ASP E 154 3.07 33.68 -63.03
N TYR E 155 2.22 32.78 -62.53
CA TYR E 155 0.87 33.12 -62.11
C TYR E 155 0.66 32.72 -60.66
N PHE E 156 -0.26 33.44 -59.99
CA PHE E 156 -0.61 33.14 -58.61
C PHE E 156 -1.97 33.78 -58.33
N PRO E 157 -2.86 33.10 -57.60
CA PRO E 157 -2.73 31.76 -57.05
C PRO E 157 -3.29 30.70 -57.98
N GLU E 158 -3.19 29.43 -57.58
CA GLU E 158 -3.79 28.35 -58.35
C GLU E 158 -5.31 28.46 -58.29
N PRO E 159 -6.03 27.84 -59.25
CA PRO E 159 -5.54 27.09 -60.41
C PRO E 159 -5.66 27.87 -61.72
N VAL E 160 -5.27 27.24 -62.83
CA VAL E 160 -5.46 27.79 -64.17
C VAL E 160 -5.94 26.67 -65.07
N THR E 161 -6.97 26.95 -65.87
CA THR E 161 -7.54 25.97 -66.78
C THR E 161 -7.06 26.23 -68.20
N VAL E 162 -6.58 25.18 -68.86
CA VAL E 162 -6.09 25.27 -70.23
C VAL E 162 -6.91 24.32 -71.09
N SER E 163 -7.39 24.81 -72.23
CA SER E 163 -8.12 24.01 -73.19
C SER E 163 -7.50 24.21 -74.56
N TRP E 164 -7.68 23.21 -75.43
CA TRP E 164 -7.09 23.20 -76.76
C TRP E 164 -8.19 23.32 -77.80
N ASN E 165 -8.07 24.33 -78.67
CA ASN E 165 -9.05 24.59 -79.73
C ASN E 165 -10.46 24.78 -79.15
N SER E 166 -10.54 25.59 -78.10
CA SER E 166 -11.81 25.89 -77.42
C SER E 166 -12.49 24.62 -76.93
N GLY E 167 -11.69 23.66 -76.46
CA GLY E 167 -12.21 22.41 -75.95
C GLY E 167 -12.50 21.36 -77.01
N ALA E 168 -12.32 21.68 -78.29
CA ALA E 168 -12.60 20.71 -79.34
C ALA E 168 -11.52 19.64 -79.47
N LEU E 169 -10.31 19.90 -78.97
CA LEU E 169 -9.22 18.94 -79.00
C LEU E 169 -8.97 18.46 -77.58
N THR E 170 -9.24 17.19 -77.32
CA THR E 170 -9.06 16.60 -76.00
C THR E 170 -8.16 15.37 -76.01
N SER E 171 -8.08 14.64 -77.11
CA SER E 171 -7.23 13.45 -77.18
C SER E 171 -5.77 13.85 -77.35
N GLY E 172 -4.90 13.14 -76.63
CA GLY E 172 -3.48 13.42 -76.67
C GLY E 172 -3.03 14.60 -75.82
N VAL E 173 -3.92 15.20 -75.05
CA VAL E 173 -3.62 16.38 -74.25
C VAL E 173 -3.15 15.93 -72.87
N HIS E 174 -2.00 16.46 -72.44
CA HIS E 174 -1.48 16.20 -71.11
C HIS E 174 -1.05 17.52 -70.49
N THR E 175 -1.71 17.89 -69.38
CA THR E 175 -1.40 19.11 -68.65
C THR E 175 -0.65 18.72 -67.37
N PHE E 176 0.56 19.26 -67.20
CA PHE E 176 1.47 18.89 -66.14
C PHE E 176 1.21 19.72 -64.88
N PRO E 177 1.46 19.15 -63.70
CA PRO E 177 1.35 19.93 -62.46
C PRO E 177 2.37 21.06 -62.44
N ALA E 178 1.96 22.18 -61.82
CA ALA E 178 2.77 23.39 -61.83
C ALA E 178 3.90 23.31 -60.80
N VAL E 179 4.92 24.14 -61.01
CA VAL E 179 6.00 24.31 -60.05
C VAL E 179 5.64 25.44 -59.09
N LEU E 180 6.25 25.41 -57.90
CA LEU E 180 6.20 26.51 -56.96
C LEU E 180 7.60 27.10 -56.89
N GLN E 181 7.82 28.18 -57.64
CA GLN E 181 9.13 28.79 -57.70
C GLN E 181 9.46 29.48 -56.37
N SER E 182 10.75 29.76 -56.19
CA SER E 182 11.19 30.44 -54.96
C SER E 182 10.56 31.81 -54.83
N SER E 183 10.20 32.44 -55.94
CA SER E 183 9.50 33.72 -55.90
C SER E 183 8.10 33.60 -55.31
N GLY E 184 7.54 32.39 -55.29
CA GLY E 184 6.18 32.17 -54.83
C GLY E 184 5.15 32.01 -55.94
N LEU E 185 5.50 32.34 -57.17
CA LEU E 185 4.59 32.21 -58.30
C LEU E 185 4.57 30.76 -58.80
N TYR E 186 3.57 30.45 -59.61
CA TYR E 186 3.39 29.12 -60.18
C TYR E 186 3.66 29.14 -61.68
N SER E 187 3.94 27.96 -62.23
CA SER E 187 4.22 27.84 -63.66
C SER E 187 3.97 26.39 -64.09
N LEU E 188 3.22 26.22 -65.17
CA LEU E 188 2.94 24.90 -65.72
C LEU E 188 2.99 24.95 -67.24
N SER E 189 3.14 23.78 -67.85
CA SER E 189 3.13 23.62 -69.30
C SER E 189 2.12 22.54 -69.68
N SER E 190 1.39 22.78 -70.76
CA SER E 190 0.46 21.82 -71.32
C SER E 190 0.88 21.49 -72.75
N VAL E 191 0.81 20.21 -73.10
CA VAL E 191 1.19 19.74 -74.43
C VAL E 191 0.12 18.81 -74.97
N VAL E 192 0.11 18.68 -76.30
CA VAL E 192 -0.79 17.77 -77.00
C VAL E 192 0.00 17.07 -78.10
N THR E 193 -0.15 15.75 -78.19
CA THR E 193 0.53 14.97 -79.21
C THR E 193 -0.35 14.87 -80.45
N VAL E 194 0.19 15.26 -81.59
CA VAL E 194 -0.58 15.37 -82.83
C VAL E 194 0.21 14.69 -83.95
N PRO E 195 -0.47 14.24 -85.00
CA PRO E 195 0.25 13.62 -86.12
C PRO E 195 1.14 14.63 -86.83
N SER E 196 2.25 14.11 -87.37
CA SER E 196 3.20 14.98 -88.07
C SER E 196 2.58 15.59 -89.31
N SER E 197 1.78 14.81 -90.04
CA SER E 197 1.16 15.31 -91.26
C SER E 197 0.16 16.43 -90.97
N SER E 198 -0.47 16.41 -89.80
CA SER E 198 -1.42 17.45 -89.44
C SER E 198 -0.75 18.81 -89.22
N LEU E 199 0.56 18.82 -88.99
CA LEU E 199 1.27 20.07 -88.77
C LEU E 199 1.25 20.91 -90.04
N GLY E 200 0.95 22.20 -89.88
CA GLY E 200 0.82 23.11 -91.00
C GLY E 200 -0.55 23.14 -91.63
N THR E 201 -1.46 22.26 -91.23
CA THR E 201 -2.82 22.22 -91.74
C THR E 201 -3.86 22.51 -90.66
N GLN E 202 -3.62 22.08 -89.44
CA GLN E 202 -4.51 22.34 -88.31
C GLN E 202 -3.90 23.41 -87.41
N THR E 203 -4.74 24.30 -86.91
CA THR E 203 -4.32 25.36 -86.01
C THR E 203 -4.59 24.96 -84.57
N TYR E 204 -3.65 25.28 -83.69
CA TYR E 204 -3.74 24.90 -82.28
C TYR E 204 -3.68 26.15 -81.42
N ILE E 205 -4.67 26.30 -80.53
CA ILE E 205 -4.86 27.50 -79.73
C ILE E 205 -5.10 27.09 -78.28
N CYS E 206 -4.34 27.67 -77.35
CA CYS E 206 -4.52 27.43 -75.93
C CYS E 206 -5.42 28.52 -75.35
N ASN E 207 -6.54 28.11 -74.75
CA ASN E 207 -7.43 29.03 -74.06
C ASN E 207 -7.16 28.90 -72.57
N VAL E 208 -6.11 29.59 -72.12
CA VAL E 208 -5.78 29.62 -70.71
C VAL E 208 -6.68 30.62 -70.01
N ASN E 209 -7.05 30.32 -68.77
CA ASN E 209 -7.93 31.19 -67.99
C ASN E 209 -7.50 31.15 -66.54
N HIS E 210 -7.11 32.31 -66.01
CA HIS E 210 -6.77 32.46 -64.60
C HIS E 210 -7.88 33.27 -63.95
N LYS E 211 -8.83 32.57 -63.32
CA LYS E 211 -9.99 33.24 -62.75
C LYS E 211 -9.64 34.25 -61.68
N PRO E 212 -8.73 33.97 -60.71
CA PRO E 212 -8.41 35.01 -59.72
C PRO E 212 -7.93 36.31 -60.33
N SER E 213 -7.14 36.25 -61.40
CA SER E 213 -6.69 37.44 -62.10
C SER E 213 -7.59 37.82 -63.26
N ASN E 214 -8.60 37.01 -63.56
CA ASN E 214 -9.52 37.25 -64.68
C ASN E 214 -8.77 37.48 -65.99
N THR E 215 -7.74 36.66 -66.21
CA THR E 215 -6.94 36.74 -67.42
C THR E 215 -7.31 35.58 -68.33
N LYS E 216 -7.73 35.89 -69.55
CA LYS E 216 -8.02 34.90 -70.57
C LYS E 216 -7.18 35.21 -71.79
N VAL E 217 -6.33 34.26 -72.19
CA VAL E 217 -5.39 34.45 -73.29
C VAL E 217 -5.54 33.29 -74.27
N ASP E 218 -5.61 33.61 -75.56
CA ASP E 218 -5.65 32.62 -76.63
C ASP E 218 -4.40 32.81 -77.48
N LYS E 219 -3.45 31.88 -77.35
CA LYS E 219 -2.17 31.97 -78.03
C LYS E 219 -2.08 30.88 -79.09
N ARG E 220 -1.62 31.26 -80.29
CA ARG E 220 -1.53 30.35 -81.41
C ARG E 220 -0.18 29.64 -81.40
N VAL E 221 -0.20 28.34 -81.64
CA VAL E 221 1.01 27.53 -81.61
C VAL E 221 1.26 26.97 -83.00
N GLU E 222 2.43 27.27 -83.57
CA GLU E 222 2.82 26.81 -84.89
C GLU E 222 4.27 26.35 -84.85
N PRO E 223 4.68 25.46 -85.76
CA PRO E 223 6.10 25.16 -85.83
C PRO E 223 6.90 26.41 -86.24
N LYS E 224 8.12 26.52 -85.71
CA LYS E 224 8.93 27.71 -85.88
C LYS E 224 9.31 27.98 -87.35
N ASP F 1 15.50 16.71 -24.03
CA ASP F 1 15.32 15.27 -24.17
C ASP F 1 14.19 14.94 -25.13
N GLN F 2 14.13 15.67 -26.24
CA GLN F 2 13.08 15.47 -27.23
C GLN F 2 13.33 14.19 -28.00
N SER F 3 12.46 13.19 -27.82
CA SER F 3 12.61 11.92 -28.51
C SER F 3 12.09 12.03 -29.94
N VAL F 4 12.68 11.22 -30.82
CA VAL F 4 12.40 11.27 -32.26
C VAL F 4 12.02 9.87 -32.73
N LEU F 5 10.93 9.77 -33.46
CA LEU F 5 10.50 8.52 -34.08
C LEU F 5 11.05 8.46 -35.49
N THR F 6 11.82 7.42 -35.79
CA THR F 6 12.51 7.28 -37.07
C THR F 6 11.93 6.11 -37.86
N GLN F 7 11.55 6.38 -39.11
CA GLN F 7 11.05 5.38 -40.02
C GLN F 7 11.89 5.37 -41.29
N PRO F 8 12.00 4.22 -41.97
CA PRO F 8 12.63 4.25 -43.30
C PRO F 8 11.81 5.10 -44.25
N PRO F 9 12.47 5.78 -45.19
CA PRO F 9 11.71 6.67 -46.07
C PRO F 9 10.86 5.93 -47.09
N SER F 10 11.39 4.88 -47.70
CA SER F 10 10.68 4.14 -48.73
C SER F 10 10.83 2.64 -48.49
N VAL F 11 9.73 1.91 -48.69
CA VAL F 11 9.73 0.45 -48.65
C VAL F 11 8.89 -0.04 -49.83
N SER F 12 9.47 -0.95 -50.62
CA SER F 12 8.80 -1.50 -51.79
C SER F 12 8.65 -3.00 -51.65
N VAL F 13 7.56 -3.53 -52.22
CA VAL F 13 7.26 -4.95 -52.14
C VAL F 13 6.39 -5.32 -53.33
N ALA F 14 6.52 -6.58 -53.78
CA ALA F 14 5.69 -7.11 -54.85
C ALA F 14 4.33 -7.54 -54.30
N PRO F 15 3.30 -7.57 -55.15
CA PRO F 15 1.99 -8.04 -54.69
C PRO F 15 2.06 -9.48 -54.23
N GLY F 16 1.30 -9.79 -53.17
CA GLY F 16 1.29 -11.12 -52.58
C GLY F 16 2.30 -11.31 -51.45
N LYS F 17 3.46 -10.67 -51.58
CA LYS F 17 4.49 -10.76 -50.55
C LYS F 17 4.09 -9.87 -49.37
N THR F 18 5.00 -9.73 -48.40
CA THR F 18 4.73 -8.97 -47.18
C THR F 18 5.71 -7.83 -47.07
N ALA F 19 5.18 -6.65 -46.72
CA ALA F 19 6.00 -5.48 -46.43
C ALA F 19 6.11 -5.27 -44.93
N ARG F 20 7.28 -4.84 -44.48
CA ARG F 20 7.53 -4.59 -43.07
C ARG F 20 8.06 -3.17 -42.89
N ILE F 21 7.41 -2.40 -42.03
CA ILE F 21 7.77 -1.02 -41.78
C ILE F 21 8.22 -0.91 -40.33
N THR F 22 9.44 -0.39 -40.13
CA THR F 22 10.03 -0.31 -38.81
C THR F 22 9.89 1.09 -38.23
N CYS F 23 9.55 1.15 -36.95
CA CYS F 23 9.51 2.41 -36.20
C CYS F 23 10.60 2.37 -35.14
N GLY F 24 11.61 3.20 -35.30
CA GLY F 24 12.77 3.21 -34.41
C GLY F 24 12.73 4.39 -33.45
N GLY F 25 13.11 4.13 -32.21
CA GLY F 25 13.13 5.17 -31.20
C GLY F 25 13.86 4.70 -29.96
N ASN F 26 14.23 5.67 -29.14
CA ASN F 26 14.92 5.39 -27.89
C ASN F 26 13.96 4.72 -26.91
N ASP F 27 14.19 3.44 -26.63
CA ASP F 27 13.36 2.66 -25.71
C ASP F 27 11.89 2.68 -26.11
N ILE F 28 11.64 2.51 -27.41
CA ILE F 28 10.27 2.54 -27.92
C ILE F 28 9.43 1.41 -27.33
N GLY F 29 10.08 0.29 -27.00
CA GLY F 29 9.37 -0.84 -26.42
C GLY F 29 8.67 -0.52 -25.12
N SER F 30 9.12 0.51 -24.41
CA SER F 30 8.46 0.95 -23.18
C SER F 30 7.18 1.72 -23.44
N LYS F 31 6.87 2.06 -24.68
CA LYS F 31 5.70 2.84 -25.03
C LYS F 31 4.83 2.08 -26.03
N SER F 32 3.54 2.38 -26.00
CA SER F 32 2.60 1.81 -26.96
C SER F 32 2.68 2.58 -28.27
N VAL F 33 2.79 1.83 -29.38
CA VAL F 33 2.95 2.40 -30.71
C VAL F 33 1.68 2.20 -31.50
N HIS F 34 1.25 3.23 -32.21
CA HIS F 34 0.06 3.18 -33.05
C HIS F 34 0.45 3.54 -34.48
N TRP F 35 -0.22 2.92 -35.44
CA TRP F 35 0.10 3.06 -36.85
C TRP F 35 -1.07 3.67 -37.60
N TYR F 36 -0.77 4.57 -38.52
CA TYR F 36 -1.77 5.24 -39.33
C TYR F 36 -1.44 5.04 -40.81
N GLN F 37 -2.47 4.75 -41.60
CA GLN F 37 -2.36 4.62 -43.04
C GLN F 37 -2.96 5.85 -43.68
N GLN F 38 -2.18 6.52 -44.53
CA GLN F 38 -2.63 7.73 -45.22
C GLN F 38 -2.46 7.56 -46.72
N LYS F 39 -3.58 7.39 -47.42
CA LYS F 39 -3.58 7.36 -48.88
C LYS F 39 -3.59 8.79 -49.42
N PRO F 40 -3.01 9.02 -50.60
CA PRO F 40 -2.88 10.39 -51.11
C PRO F 40 -4.23 11.05 -51.30
N GLY F 41 -4.37 12.27 -50.77
CA GLY F 41 -5.62 12.99 -50.80
C GLY F 41 -6.63 12.57 -49.77
N GLN F 42 -6.30 11.62 -48.91
CA GLN F 42 -7.22 11.09 -47.92
C GLN F 42 -6.73 11.41 -46.51
N ALA F 43 -7.65 11.30 -45.55
CA ALA F 43 -7.31 11.47 -44.15
C ALA F 43 -6.60 10.24 -43.61
N PRO F 44 -5.72 10.42 -42.62
CA PRO F 44 -5.11 9.26 -41.96
C PRO F 44 -6.16 8.37 -41.32
N VAL F 45 -5.92 7.06 -41.38
CA VAL F 45 -6.82 6.06 -40.82
C VAL F 45 -6.03 5.21 -39.83
N LEU F 46 -6.58 5.00 -38.64
CA LEU F 46 -5.92 4.17 -37.64
C LEU F 46 -6.02 2.70 -38.02
N VAL F 47 -4.87 2.06 -38.19
CA VAL F 47 -4.83 0.65 -38.55
C VAL F 47 -4.34 -0.23 -37.40
N ILE F 48 -3.41 0.26 -36.58
CA ILE F 48 -2.89 -0.49 -35.43
C ILE F 48 -2.83 0.45 -34.24
N TYR F 49 -3.27 -0.04 -33.08
CA TYR F 49 -3.17 0.71 -31.84
C TYR F 49 -2.81 -0.24 -30.71
N TYR F 50 -2.09 0.30 -29.71
CA TYR F 50 -1.61 -0.47 -28.56
C TYR F 50 -0.74 -1.65 -28.99
N ASP F 51 0.03 -1.44 -30.07
CA ASP F 51 1.09 -2.31 -30.56
C ASP F 51 0.60 -3.59 -31.21
N THR F 52 -0.66 -3.96 -31.01
CA THR F 52 -1.18 -5.19 -31.61
C THR F 52 -2.59 -5.08 -32.17
N ASP F 53 -3.42 -4.17 -31.69
CA ASP F 53 -4.86 -4.24 -31.93
C ASP F 53 -5.25 -3.50 -33.19
N ARG F 54 -6.18 -4.07 -33.94
CA ARG F 54 -6.72 -3.44 -35.13
C ARG F 54 -8.13 -2.97 -34.85
N PRO F 55 -8.50 -1.76 -35.25
CA PRO F 55 -9.90 -1.34 -35.14
C PRO F 55 -10.77 -2.14 -36.10
N SER F 56 -12.06 -2.14 -35.82
CA SER F 56 -13.00 -2.85 -36.68
C SER F 56 -12.93 -2.31 -38.10
N GLY F 57 -12.88 -3.23 -39.07
CA GLY F 57 -12.77 -2.88 -40.47
C GLY F 57 -11.38 -3.01 -41.05
N ILE F 58 -10.35 -3.02 -40.21
CA ILE F 58 -8.97 -3.22 -40.70
C ILE F 58 -8.76 -4.71 -40.96
N PRO F 59 -8.32 -5.10 -42.16
CA PRO F 59 -8.16 -6.53 -42.45
C PRO F 59 -7.06 -7.16 -41.58
N ASP F 60 -7.20 -8.46 -41.34
CA ASP F 60 -6.26 -9.17 -40.48
C ASP F 60 -4.86 -9.27 -41.08
N ARG F 61 -4.69 -8.93 -42.36
CA ARG F 61 -3.37 -8.91 -42.97
C ARG F 61 -2.45 -7.90 -42.31
N PHE F 62 -3.01 -6.91 -41.62
CA PHE F 62 -2.20 -5.94 -40.88
C PHE F 62 -1.88 -6.49 -39.50
N SER F 63 -0.62 -6.30 -39.08
CA SER F 63 -0.18 -6.74 -37.77
C SER F 63 0.91 -5.81 -37.28
N GLY F 64 1.04 -5.73 -35.95
CA GLY F 64 2.04 -4.88 -35.35
C GLY F 64 2.74 -5.59 -34.21
N SER F 65 3.94 -5.09 -33.90
CA SER F 65 4.74 -5.62 -32.82
C SER F 65 5.64 -4.53 -32.27
N ASN F 66 6.09 -4.70 -31.03
CA ASN F 66 6.94 -3.72 -30.36
C ASN F 66 7.79 -4.44 -29.35
N SER F 67 9.10 -4.53 -29.61
CA SER F 67 10.02 -5.20 -28.71
C SER F 67 11.40 -4.59 -28.89
N GLY F 68 11.92 -3.97 -27.84
CA GLY F 68 13.26 -3.41 -27.88
C GLY F 68 13.27 -2.00 -28.43
N ASN F 69 14.20 -1.73 -29.35
CA ASN F 69 14.36 -0.40 -29.92
C ASN F 69 13.64 -0.23 -31.25
N THR F 70 12.94 -1.25 -31.74
CA THR F 70 12.22 -1.16 -33.00
C THR F 70 10.79 -1.68 -32.82
N ALA F 71 9.84 -0.99 -33.44
CA ALA F 71 8.46 -1.45 -33.57
C ALA F 71 8.16 -1.66 -35.05
N THR F 72 7.45 -2.74 -35.35
CA THR F 72 7.26 -3.17 -36.73
C THR F 72 5.78 -3.29 -37.07
N LEU F 73 5.41 -2.77 -38.24
CA LEU F 73 4.08 -2.97 -38.82
C LEU F 73 4.21 -3.89 -40.02
N THR F 74 3.42 -4.95 -40.03
CA THR F 74 3.50 -5.99 -41.06
C THR F 74 2.18 -6.08 -41.81
N ILE F 75 2.25 -6.01 -43.13
CA ILE F 75 1.09 -6.16 -44.00
C ILE F 75 1.29 -7.42 -44.82
N SER F 76 0.58 -8.48 -44.48
CA SER F 76 0.67 -9.74 -45.22
C SER F 76 -0.21 -9.70 -46.46
N GLY F 77 0.19 -10.46 -47.47
CA GLY F 77 -0.55 -10.51 -48.72
C GLY F 77 -0.81 -9.14 -49.31
N VAL F 78 0.27 -8.43 -49.62
CA VAL F 78 0.14 -7.04 -50.05
C VAL F 78 -0.59 -6.96 -51.38
N GLU F 79 -1.59 -6.09 -51.45
CA GLU F 79 -2.32 -5.80 -52.67
C GLU F 79 -2.10 -4.34 -53.05
N ALA F 80 -2.67 -3.94 -54.19
CA ALA F 80 -2.45 -2.59 -54.70
C ALA F 80 -3.09 -1.53 -53.81
N GLY F 81 -4.16 -1.89 -53.11
CA GLY F 81 -4.87 -0.92 -52.28
C GLY F 81 -4.10 -0.48 -51.05
N ASP F 82 -3.10 -1.26 -50.63
CA ASP F 82 -2.30 -0.91 -49.46
C ASP F 82 -1.27 0.18 -49.75
N GLU F 83 -1.10 0.57 -51.01
CA GLU F 83 -0.14 1.61 -51.37
C GLU F 83 -0.51 2.94 -50.71
N ALA F 84 0.29 3.37 -49.74
CA ALA F 84 0.01 4.59 -48.99
C ALA F 84 1.25 4.95 -48.18
N ASP F 85 1.13 6.01 -47.38
CA ASP F 85 2.16 6.40 -46.42
C ASP F 85 1.73 5.93 -45.05
N TYR F 86 2.65 5.29 -44.33
CA TYR F 86 2.37 4.72 -43.02
C TYR F 86 3.19 5.45 -41.96
N TYR F 87 2.51 5.95 -40.93
CA TYR F 87 3.13 6.71 -39.86
C TYR F 87 2.97 5.97 -38.55
N CYS F 88 4.03 5.93 -37.75
CA CYS F 88 3.97 5.39 -36.40
C CYS F 88 3.93 6.53 -35.39
N GLN F 89 3.14 6.35 -34.34
CA GLN F 89 2.92 7.40 -33.36
C GLN F 89 3.01 6.82 -31.95
N VAL F 90 3.69 7.54 -31.05
CA VAL F 90 3.79 7.19 -29.65
C VAL F 90 3.48 8.43 -28.82
N TRP F 91 3.53 8.26 -27.49
CA TRP F 91 3.34 9.35 -26.55
C TRP F 91 4.54 9.39 -25.62
N ASP F 92 5.12 10.57 -25.44
CA ASP F 92 6.31 10.73 -24.60
C ASP F 92 6.07 11.88 -23.63
N GLY F 93 6.32 11.64 -22.35
CA GLY F 93 6.17 12.64 -21.32
C GLY F 93 7.44 13.29 -20.85
N THR F 94 8.59 12.84 -21.36
CA THR F 94 9.88 13.41 -20.96
C THR F 94 10.35 14.52 -21.89
N SER F 95 9.54 14.89 -22.88
CA SER F 95 9.93 15.90 -23.87
C SER F 95 8.88 16.99 -23.92
N ASP F 96 9.14 17.99 -24.77
CA ASP F 96 8.19 19.08 -24.95
C ASP F 96 7.03 18.65 -25.83
N HIS F 97 7.32 18.15 -27.03
CA HIS F 97 6.30 17.62 -27.92
C HIS F 97 5.90 16.24 -27.42
N HIS F 98 4.68 16.11 -26.92
CA HIS F 98 4.25 14.84 -26.32
C HIS F 98 3.74 13.86 -27.36
N VAL F 99 2.83 14.32 -28.22
CA VAL F 99 2.36 13.49 -29.33
C VAL F 99 3.43 13.49 -30.40
N ILE F 100 4.02 12.33 -30.66
CA ILE F 100 5.17 12.21 -31.55
C ILE F 100 4.81 11.28 -32.70
N PHE F 101 4.92 11.79 -33.92
CA PHE F 101 4.74 10.99 -35.12
C PHE F 101 6.09 10.67 -35.74
N GLY F 102 6.14 9.55 -36.45
CA GLY F 102 7.34 9.19 -37.18
C GLY F 102 7.50 10.01 -38.44
N GLY F 103 8.66 9.82 -39.08
CA GLY F 103 8.91 10.48 -40.35
C GLY F 103 8.01 10.01 -41.48
N GLY F 104 7.33 8.88 -41.31
CA GLY F 104 6.47 8.35 -42.34
C GLY F 104 7.24 7.54 -43.37
N THR F 105 6.64 6.43 -43.80
CA THR F 105 7.25 5.57 -44.81
C THR F 105 6.31 5.46 -46.00
N LYS F 106 6.82 5.75 -47.20
CA LYS F 106 6.04 5.60 -48.41
C LYS F 106 6.14 4.16 -48.88
N LEU F 107 5.01 3.45 -48.83
CA LEU F 107 4.96 2.05 -49.25
C LEU F 107 4.50 1.99 -50.71
N THR F 108 5.31 1.35 -51.54
CA THR F 108 5.00 1.17 -52.95
C THR F 108 4.87 -0.32 -53.26
N VAL F 109 3.77 -0.69 -53.88
CA VAL F 109 3.56 -2.06 -54.36
C VAL F 109 3.72 -2.03 -55.88
N LEU F 110 4.73 -2.74 -56.38
CA LEU F 110 5.06 -2.71 -57.80
C LEU F 110 4.10 -3.61 -58.56
N GLY F 111 3.06 -3.02 -59.12
CA GLY F 111 2.03 -3.79 -59.81
C GLY F 111 2.28 -4.00 -61.29
N GLN F 112 2.55 -2.92 -62.01
CA GLN F 112 2.73 -2.95 -63.45
C GLN F 112 4.21 -2.97 -63.82
N PRO F 113 4.56 -3.44 -65.01
CA PRO F 113 5.98 -3.49 -65.39
C PRO F 113 6.58 -2.09 -65.49
N LYS F 114 7.89 -2.03 -65.25
CA LYS F 114 8.61 -0.77 -65.24
C LYS F 114 8.61 -0.15 -66.64
N ALA F 115 8.47 1.18 -66.69
CA ALA F 115 8.40 1.92 -67.94
C ALA F 115 9.41 3.04 -67.94
N ALA F 116 10.17 3.16 -69.04
CA ALA F 116 11.14 4.22 -69.17
C ALA F 116 10.45 5.57 -69.35
N PRO F 117 11.04 6.64 -68.85
CA PRO F 117 10.41 7.96 -68.97
C PRO F 117 10.49 8.50 -70.39
N SER F 118 9.41 9.18 -70.80
CA SER F 118 9.36 9.87 -72.08
C SER F 118 9.65 11.35 -71.84
N VAL F 119 10.72 11.85 -72.46
CA VAL F 119 11.21 13.20 -72.20
C VAL F 119 11.14 14.01 -73.48
N THR F 120 10.50 15.17 -73.42
CA THR F 120 10.47 16.13 -74.51
C THR F 120 10.96 17.48 -73.97
N LEU F 121 11.90 18.10 -74.70
CA LEU F 121 12.51 19.34 -74.28
C LEU F 121 12.07 20.46 -75.22
N PHE F 122 11.83 21.65 -74.65
CA PHE F 122 11.33 22.77 -75.44
C PHE F 122 12.24 23.98 -75.30
N PRO F 123 12.49 24.71 -76.38
CA PRO F 123 13.32 25.91 -76.31
C PRO F 123 12.47 27.12 -75.98
N PRO F 124 13.09 28.25 -75.60
CA PRO F 124 12.29 29.46 -75.36
C PRO F 124 11.63 29.95 -76.64
N SER F 125 10.39 30.42 -76.50
CA SER F 125 9.71 30.99 -77.65
C SER F 125 10.30 32.35 -77.98
N SER F 126 10.10 32.78 -79.22
CA SER F 126 10.52 34.12 -79.62
C SER F 126 9.77 35.18 -78.83
N GLU F 127 8.49 34.93 -78.53
CA GLU F 127 7.72 35.86 -77.73
C GLU F 127 8.29 36.02 -76.32
N GLU F 128 8.69 34.91 -75.70
CA GLU F 128 9.31 34.99 -74.38
C GLU F 128 10.68 35.68 -74.45
N LEU F 129 11.49 35.32 -75.45
CA LEU F 129 12.79 35.95 -75.61
C LEU F 129 12.65 37.43 -75.94
N GLN F 130 11.59 37.81 -76.65
CA GLN F 130 11.28 39.22 -76.88
C GLN F 130 11.00 39.96 -75.58
N ALA F 131 10.57 39.24 -74.54
CA ALA F 131 10.31 39.81 -73.23
C ALA F 131 11.51 39.70 -72.29
N ASN F 132 12.72 39.74 -72.84
CA ASN F 132 13.99 39.72 -72.08
C ASN F 132 14.01 38.59 -71.05
N LYS F 133 13.34 37.48 -71.34
CA LYS F 133 13.35 36.31 -70.47
C LYS F 133 13.49 35.05 -71.32
N ALA F 134 14.11 34.03 -70.74
CA ALA F 134 14.27 32.74 -71.39
C ALA F 134 13.91 31.63 -70.41
N THR F 135 13.24 30.60 -70.90
CA THR F 135 12.80 29.49 -70.07
C THR F 135 12.90 28.20 -70.87
N LEU F 136 13.64 27.24 -70.33
CA LEU F 136 13.75 25.91 -70.91
C LEU F 136 12.77 24.98 -70.19
N VAL F 137 11.98 24.24 -70.96
CA VAL F 137 10.91 23.41 -70.43
C VAL F 137 11.23 21.95 -70.75
N CYS F 138 11.36 21.13 -69.71
CA CYS F 138 11.63 19.70 -69.83
C CYS F 138 10.46 18.94 -69.23
N LEU F 139 9.75 18.17 -70.07
CA LEU F 139 8.54 17.48 -69.67
C LEU F 139 8.78 15.98 -69.70
N ILE F 140 8.46 15.32 -68.59
CA ILE F 140 8.74 13.90 -68.40
C ILE F 140 7.42 13.19 -68.08
N SER F 141 7.17 12.07 -68.74
CA SER F 141 5.89 11.39 -68.60
C SER F 141 6.04 9.91 -68.89
N ASP F 142 5.03 9.15 -68.45
CA ASP F 142 4.91 7.72 -68.76
C ASP F 142 6.08 6.92 -68.21
N PHE F 143 6.33 7.05 -66.91
CA PHE F 143 7.37 6.28 -66.24
C PHE F 143 6.83 5.68 -64.95
N TYR F 144 7.37 4.50 -64.61
CA TYR F 144 7.05 3.75 -63.41
C TYR F 144 8.34 3.01 -63.06
N PRO F 145 8.85 3.14 -61.82
CA PRO F 145 8.31 3.87 -60.67
C PRO F 145 8.32 5.39 -60.82
N GLY F 146 7.45 6.07 -60.07
CA GLY F 146 7.38 7.52 -60.12
C GLY F 146 8.47 8.19 -59.30
N ALA F 147 9.72 8.08 -59.77
CA ALA F 147 10.85 8.72 -59.10
C ALA F 147 11.96 8.88 -60.13
N VAL F 148 12.24 10.11 -60.54
CA VAL F 148 13.30 10.41 -61.50
C VAL F 148 14.20 11.49 -60.93
N THR F 149 15.39 11.59 -61.50
CA THR F 149 16.37 12.61 -61.17
C THR F 149 16.68 13.41 -62.43
N VAL F 150 16.57 14.74 -62.34
CA VAL F 150 16.75 15.62 -63.48
C VAL F 150 18.04 16.42 -63.29
N ALA F 151 18.89 16.41 -64.32
CA ALA F 151 20.13 17.18 -64.33
C ALA F 151 20.22 17.94 -65.64
N TRP F 152 20.62 19.20 -65.56
CA TRP F 152 20.72 20.08 -66.72
C TRP F 152 22.17 20.34 -67.05
N LYS F 153 22.49 20.40 -68.34
CA LYS F 153 23.85 20.62 -68.81
C LYS F 153 23.87 21.76 -69.81
N ALA F 154 24.60 22.82 -69.48
CA ALA F 154 24.90 23.87 -70.45
C ALA F 154 26.11 23.41 -71.26
N ASP F 155 25.93 23.29 -72.58
CA ASP F 155 26.91 22.62 -73.43
C ASP F 155 27.18 21.23 -72.89
N SER F 156 28.25 21.08 -72.10
CA SER F 156 28.53 19.83 -71.40
C SER F 156 28.82 20.05 -69.92
N SER F 157 28.52 21.24 -69.38
CA SER F 157 28.78 21.57 -67.98
C SER F 157 27.50 21.51 -67.17
N PRO F 158 27.52 20.91 -65.99
CA PRO F 158 26.29 20.82 -65.18
C PRO F 158 25.79 22.18 -64.75
N VAL F 159 24.48 22.28 -64.57
CA VAL F 159 23.82 23.52 -64.17
C VAL F 159 22.97 23.25 -62.94
N LYS F 160 23.04 24.14 -61.96
CA LYS F 160 22.22 24.05 -60.76
C LYS F 160 21.38 25.30 -60.47
N ALA F 161 21.74 26.46 -60.99
CA ALA F 161 21.03 27.69 -60.73
C ALA F 161 19.86 27.85 -61.69
N GLY F 162 18.70 28.21 -61.14
CA GLY F 162 17.51 28.39 -61.95
C GLY F 162 16.78 27.13 -62.34
N VAL F 163 16.92 26.06 -61.56
CA VAL F 163 16.31 24.77 -61.87
C VAL F 163 15.19 24.51 -60.86
N GLU F 164 13.98 24.29 -61.37
CA GLU F 164 12.83 23.91 -60.56
C GLU F 164 12.22 22.66 -61.16
N THR F 165 11.98 21.65 -60.32
CA THR F 165 11.43 20.38 -60.77
C THR F 165 10.29 19.95 -59.86
N THR F 166 9.21 19.48 -60.47
CA THR F 166 8.03 19.05 -59.72
C THR F 166 8.28 17.70 -59.05
N THR F 167 7.37 17.35 -58.15
CA THR F 167 7.26 15.99 -57.67
C THR F 167 6.47 15.15 -58.68
N PRO F 168 6.69 13.84 -58.72
CA PRO F 168 5.93 13.00 -59.65
C PRO F 168 4.45 13.01 -59.33
N SER F 169 3.64 12.83 -60.38
CA SER F 169 2.18 12.82 -60.25
C SER F 169 1.61 11.74 -61.16
N LYS F 170 0.61 11.02 -60.65
CA LYS F 170 0.01 9.93 -61.40
C LYS F 170 -0.74 10.45 -62.62
N GLN F 171 -0.65 9.70 -63.73
CA GLN F 171 -1.36 10.02 -64.94
C GLN F 171 -2.67 9.24 -65.01
N SER F 172 -3.38 9.39 -66.13
CA SER F 172 -4.61 8.62 -66.33
C SER F 172 -4.30 7.13 -66.46
N ASN F 173 -3.19 6.78 -67.11
CA ASN F 173 -2.81 5.41 -67.37
C ASN F 173 -2.00 4.79 -66.24
N ASN F 174 -2.13 5.32 -65.03
CA ASN F 174 -1.49 4.85 -63.80
C ASN F 174 0.02 5.05 -63.79
N LYS F 175 0.60 5.67 -64.82
CA LYS F 175 2.01 6.01 -64.81
C LYS F 175 2.19 7.40 -64.20
N TYR F 176 3.44 7.85 -64.13
CA TYR F 176 3.78 9.09 -63.44
C TYR F 176 4.36 10.11 -64.40
N ALA F 177 4.26 11.38 -64.01
CA ALA F 177 4.75 12.48 -64.82
C ALA F 177 5.50 13.47 -63.94
N ALA F 178 6.47 14.16 -64.55
CA ALA F 178 7.23 15.19 -63.87
C ALA F 178 7.63 16.24 -64.89
N SER F 179 7.96 17.43 -64.38
CA SER F 179 8.37 18.54 -65.25
C SER F 179 9.45 19.35 -64.57
N SER F 180 10.45 19.77 -65.35
CA SER F 180 11.56 20.56 -64.86
C SER F 180 11.71 21.81 -65.71
N TYR F 181 12.04 22.92 -65.06
CA TYR F 181 12.18 24.21 -65.73
C TYR F 181 13.54 24.79 -65.44
N LEU F 182 14.22 25.27 -66.49
CA LEU F 182 15.45 26.01 -66.37
C LEU F 182 15.19 27.45 -66.82
N SER F 183 15.39 28.40 -65.92
CA SER F 183 15.16 29.81 -66.19
C SER F 183 16.50 30.49 -66.47
N LEU F 184 16.65 31.04 -67.66
CA LEU F 184 17.88 31.71 -68.07
C LEU F 184 17.55 33.09 -68.61
N THR F 185 18.59 33.91 -68.71
CA THR F 185 18.48 35.19 -69.39
C THR F 185 18.68 35.01 -70.89
N PRO F 186 18.21 35.96 -71.71
CA PRO F 186 18.35 35.79 -73.17
C PRO F 186 19.78 35.59 -73.63
N GLU F 187 20.75 36.25 -73.01
CA GLU F 187 22.15 36.04 -73.38
C GLU F 187 22.59 34.62 -73.05
N GLN F 188 22.16 34.08 -71.92
CA GLN F 188 22.58 32.74 -71.51
C GLN F 188 22.13 31.69 -72.52
N TRP F 189 20.89 31.80 -73.01
CA TRP F 189 20.42 30.88 -74.05
C TRP F 189 21.23 31.05 -75.33
N LYS F 190 21.56 32.28 -75.69
CA LYS F 190 22.30 32.55 -76.92
C LYS F 190 23.80 32.22 -76.79
N SER F 191 24.38 32.46 -75.61
CA SER F 191 25.83 32.36 -75.48
C SER F 191 26.35 30.94 -75.61
N HIS F 192 25.53 29.95 -75.27
CA HIS F 192 25.97 28.55 -75.27
C HIS F 192 25.52 27.85 -76.54
N ARG F 193 26.33 26.87 -76.95
CA ARG F 193 26.04 26.14 -78.20
C ARG F 193 24.78 25.30 -78.07
N SER F 194 24.61 24.59 -76.95
CA SER F 194 23.48 23.70 -76.78
C SER F 194 23.15 23.54 -75.31
N TYR F 195 21.93 23.09 -75.03
CA TYR F 195 21.46 22.81 -73.68
C TYR F 195 20.81 21.44 -73.65
N SER F 196 20.99 20.72 -72.54
CA SER F 196 20.52 19.35 -72.43
C SER F 196 19.75 19.16 -71.12
N CYS F 197 18.73 18.31 -71.17
CA CYS F 197 17.97 17.90 -70.00
C CYS F 197 18.13 16.40 -69.84
N GLN F 198 18.75 15.98 -68.75
CA GLN F 198 19.01 14.57 -68.47
C GLN F 198 18.08 14.09 -67.38
N VAL F 199 17.37 13.00 -67.64
CA VAL F 199 16.43 12.39 -66.68
C VAL F 199 16.91 10.98 -66.40
N THR F 200 17.15 10.68 -65.13
CA THR F 200 17.58 9.36 -64.69
C THR F 200 16.42 8.66 -64.00
N HIS F 201 16.13 7.43 -64.42
CA HIS F 201 15.03 6.65 -63.87
C HIS F 201 15.46 5.20 -63.79
N GLU F 202 15.60 4.69 -62.56
CA GLU F 202 16.01 3.31 -62.31
C GLU F 202 17.32 2.99 -63.02
N GLY F 203 18.26 3.89 -62.90
CA GLY F 203 19.58 3.71 -63.50
C GLY F 203 19.74 4.24 -64.91
N SER F 204 18.79 3.92 -65.79
CA SER F 204 18.85 4.37 -67.17
C SER F 204 18.60 5.86 -67.26
N THR F 205 19.39 6.54 -68.09
CA THR F 205 19.31 7.98 -68.26
C THR F 205 18.76 8.30 -69.65
N VAL F 206 17.74 9.15 -69.70
CA VAL F 206 17.17 9.64 -70.95
C VAL F 206 17.50 11.12 -71.06
N GLU F 207 18.12 11.51 -72.17
CA GLU F 207 18.58 12.87 -72.37
C GLU F 207 18.03 13.44 -73.67
N LYS F 208 17.63 14.71 -73.64
CA LYS F 208 17.19 15.43 -74.82
C LYS F 208 17.96 16.75 -74.91
N THR F 209 18.25 17.16 -76.14
CA THR F 209 19.08 18.34 -76.38
C THR F 209 18.34 19.32 -77.27
N VAL F 210 18.62 20.62 -77.07
CA VAL F 210 18.01 21.68 -77.84
C VAL F 210 19.05 22.79 -78.05
N ALA F 211 18.95 23.45 -79.19
CA ALA F 211 19.89 24.50 -79.57
C ALA F 211 19.12 25.60 -80.31
N PRO F 212 19.64 26.85 -80.29
CA PRO F 212 19.02 27.95 -81.05
C PRO F 212 18.91 27.65 -82.54
#